data_8P70
#
_entry.id   8P70
#
_cell.length_a   1.00
_cell.length_b   1.00
_cell.length_c   1.00
_cell.angle_alpha   90.00
_cell.angle_beta   90.00
_cell.angle_gamma   90.00
#
_symmetry.space_group_name_H-M   'P 1'
#
loop_
_entity.id
_entity.type
_entity.pdbx_description
1 polymer 'CDK-activating kinase assembly factor MAT1'
2 polymer Cyclin-H
3 polymer 'Cyclin-dependent kinase 7'
4 non-polymer N7-(phenylmethyl)-3-propan-2-yl-N5-[(3S)-pyrrolidin-3-yl]pyrazolo[1,5-a]pyrimidine-5,7-diamine
5 water water
#
loop_
_entity_poly.entity_id
_entity_poly.type
_entity_poly.pdbx_seq_one_letter_code
_entity_poly.pdbx_strand_id
1 'polypeptide(L)'
;SNAPVTFSTGIKMGQHISLAPIHKLEEALYEYQPLQIETYGPHVPELEMLGRLGYLNHVRAASPQDLAGGYTSSLACHRA
LQDAFSGLFWQPS
;
H
2 'polypeptide(L)'
;(ACE)MYHNSSQKRHWTFSSEEQLARLRADANRKFRCKAVANGKVLPNDPVFLEPHEEMTLCKYYEKRLLEFCSVFKPAM
PRSVVGTACMYFKRFYLNNSVMEYHPRIIMLTCAFLACKVDEFNVSSPQFVGNLRESPLGQEKALEQILEYELLLIQQLN
FHLIVHNPYRPFEGFLIDLKTRYPILENPEILRKTADDFLNRIALTDAYLLYTPSQIALTAILSSASRAGITMESYLSES
LMLKENRTCLSQLLDIMKSMRNLVKKYEPPRSEEVAVLKQKLERCHSAELALNVITKKRKGYEDDDYVSKKSKHEEEEWT
DDDLVESL
;
I
3 'polypeptide(L)'
;SNAMALDVKSRAKRYEKLDFLGEGQFATVYKARDKNTNQIVAIKKIKLGHRSEAKDGINRTALREIKLLQELSHPNIIGL
LDAFGHKSNISLVFDFMETDLEVIIKDNSLVLTPSHIKAYMLMTLQGLEYLHQHWILHRDLKPNNLLLDENGVLKLADFG
LAKSFGSPNRAYTHQVVTRWYRAPELLFGARMYGVGVDMWAVGCILAELLLRVPFLPGDSDLDQLTRIFETLGTPTEEQW
PDMCSLPDYVTFKSFPGIPLHHIFSAAGDDLLDLIQGLFLFNPCARITATQALKMKYFSNRPGPTPGCQLPRPNCPVETL
KEQSNPALAIKRKRTEALEQGGLPKKLIF
;
J
#
loop_
_chem_comp.id
_chem_comp.type
_chem_comp.name
_chem_comp.formula
ACE non-polymer 'ACETYL GROUP' 'C2 H4 O'
X4Q non-polymer N7-(phenylmethyl)-3-propan-2-yl-N5-[(3S)-pyrrolidin-3-yl]pyrazolo[1,5-a]pyrimidine-5,7-diamine 'C20 H26 N6'
#
# COMPACT_ATOMS: atom_id res chain seq x y z
N ALA A 28 -15.82 23.07 21.58
CA ALA A 28 -14.39 22.88 21.71
C ALA A 28 -13.66 23.23 20.42
N LEU A 29 -12.75 24.18 20.49
CA LEU A 29 -11.98 24.58 19.32
C LEU A 29 -10.96 23.50 18.97
N TYR A 30 -10.88 23.18 17.69
CA TYR A 30 -9.91 22.20 17.24
C TYR A 30 -8.49 22.73 17.41
N GLU A 31 -7.59 21.84 17.80
CA GLU A 31 -6.18 22.14 17.88
C GLU A 31 -5.42 21.04 17.16
N TYR A 32 -4.54 21.43 16.23
CA TYR A 32 -3.83 20.44 15.43
C TYR A 32 -2.81 19.71 16.30
N GLN A 33 -3.11 18.46 16.65
CA GLN A 33 -2.13 17.60 17.29
C GLN A 33 -1.51 16.71 16.24
N PRO A 34 -0.22 16.82 15.95
CA PRO A 34 0.38 15.97 14.91
C PRO A 34 0.41 14.52 15.34
N LEU A 35 -0.39 13.67 14.68
CA LEU A 35 -0.43 12.27 15.04
C LEU A 35 0.95 11.66 14.93
N GLN A 36 1.34 10.90 15.95
CA GLN A 36 2.67 10.31 16.02
C GLN A 36 2.55 8.79 15.96
N ILE A 37 3.31 8.19 15.04
CA ILE A 37 3.36 6.74 14.89
C ILE A 37 4.79 6.31 15.14
N GLU A 38 4.97 5.35 16.04
CA GLU A 38 6.31 4.87 16.36
C GLU A 38 6.85 4.08 15.17
N THR A 39 7.98 4.52 14.64
CA THR A 39 8.61 3.86 13.50
C THR A 39 9.72 2.89 13.89
N TYR A 40 10.09 2.84 15.17
CA TYR A 40 11.13 1.93 15.66
C TYR A 40 12.41 2.04 14.85
N GLY A 41 12.82 3.27 14.56
CA GLY A 41 14.02 3.50 13.79
C GLY A 41 14.52 4.93 13.90
N PRO A 42 15.60 5.22 13.18
CA PRO A 42 16.17 6.57 13.23
C PRO A 42 15.20 7.61 12.68
N HIS A 43 15.35 8.84 13.18
CA HIS A 43 14.51 9.95 12.74
C HIS A 43 14.68 10.19 11.25
N VAL A 44 13.56 10.37 10.55
CA VAL A 44 13.56 10.71 9.13
C VAL A 44 13.44 12.22 9.01
N PRO A 45 14.35 12.89 8.30
CA PRO A 45 14.23 14.35 8.12
C PRO A 45 12.94 14.71 7.43
N GLU A 46 12.37 15.86 7.81
CA GLU A 46 11.06 16.25 7.33
C GLU A 46 11.10 16.53 5.82
N LEU A 47 9.91 16.54 5.21
CA LEU A 47 9.80 16.53 3.77
C LEU A 47 10.44 17.77 3.15
N GLU A 48 10.19 18.95 3.73
CA GLU A 48 10.72 20.19 3.17
C GLU A 48 12.22 20.35 3.38
N MET A 49 12.76 19.75 4.45
CA MET A 49 14.17 19.92 4.76
C MET A 49 15.08 19.03 3.90
N LEU A 50 14.51 18.14 3.10
CA LEU A 50 15.32 17.18 2.34
C LEU A 50 16.25 17.89 1.36
N GLY A 51 15.74 18.93 0.70
CA GLY A 51 16.57 19.66 -0.24
C GLY A 51 17.72 20.40 0.43
N ARG A 52 17.46 21.00 1.58
CA ARG A 52 18.49 21.73 2.32
C ARG A 52 19.61 20.81 2.77
N LEU A 53 19.27 19.60 3.21
CA LEU A 53 20.25 18.69 3.78
C LEU A 53 21.00 17.87 2.73
N GLY A 54 20.70 18.05 1.46
CA GLY A 54 21.45 17.42 0.40
C GLY A 54 20.97 16.04 -0.02
N TYR A 55 19.83 15.59 0.49
CA TYR A 55 19.31 14.28 0.10
C TYR A 55 18.94 14.25 -1.38
N LEU A 56 18.31 15.32 -1.88
CA LEU A 56 17.79 15.32 -3.24
C LEU A 56 18.88 15.23 -4.29
N ASN A 57 20.14 15.43 -3.91
CA ASN A 57 21.24 15.25 -4.85
C ASN A 57 21.45 13.79 -5.23
N HIS A 58 20.82 12.85 -4.53
CA HIS A 58 21.04 11.43 -4.79
C HIS A 58 19.78 10.70 -5.24
N VAL A 59 18.72 11.43 -5.61
CA VAL A 59 17.52 10.84 -6.18
C VAL A 59 17.31 11.43 -7.56
N ARG A 60 16.59 10.68 -8.40
CA ARG A 60 16.32 11.12 -9.76
C ARG A 60 15.47 12.38 -9.75
N ALA A 61 15.88 13.37 -10.53
CA ALA A 61 15.12 14.62 -10.63
C ALA A 61 13.79 14.35 -11.32
N ALA A 62 12.73 14.98 -10.79
CA ALA A 62 11.42 14.86 -11.41
C ALA A 62 11.37 15.67 -12.71
N SER A 63 10.75 15.09 -13.73
CA SER A 63 10.58 15.77 -15.00
C SER A 63 9.50 16.85 -14.88
N PRO A 64 9.46 17.80 -15.81
CA PRO A 64 8.41 18.82 -15.76
C PRO A 64 7.00 18.23 -15.78
N GLN A 65 6.80 17.11 -16.47
CA GLN A 65 5.49 16.46 -16.46
C GLN A 65 5.10 16.03 -15.06
N ASP A 66 6.03 15.40 -14.33
CA ASP A 66 5.72 14.97 -12.97
C ASP A 66 5.44 16.16 -12.05
N LEU A 67 6.22 17.23 -12.21
CA LEU A 67 5.99 18.42 -11.40
C LEU A 67 4.63 19.03 -11.67
N ALA A 68 4.22 19.07 -12.95
CA ALA A 68 2.93 19.63 -13.31
C ALA A 68 1.79 18.88 -12.62
N GLY A 69 1.92 17.57 -12.46
CA GLY A 69 0.93 16.80 -11.75
C GLY A 69 1.08 16.77 -10.25
N GLY A 70 2.10 17.44 -9.70
CA GLY A 70 2.34 17.45 -8.28
C GLY A 70 3.29 16.38 -7.78
N TYR A 71 4.04 15.74 -8.66
CA TYR A 71 5.01 14.73 -8.26
C TYR A 71 6.40 15.35 -8.23
N THR A 72 7.07 15.23 -7.09
CA THR A 72 8.42 15.73 -6.92
C THR A 72 9.34 14.59 -6.50
N SER A 73 10.64 14.75 -6.79
CA SER A 73 11.62 13.78 -6.32
C SER A 73 11.68 13.73 -4.81
N SER A 74 11.28 14.82 -4.15
CA SER A 74 11.30 14.85 -2.69
C SER A 74 10.40 13.78 -2.09
N LEU A 75 9.25 13.51 -2.73
CA LEU A 75 8.35 12.47 -2.24
C LEU A 75 9.02 11.10 -2.30
N ALA A 76 9.65 10.78 -3.43
CA ALA A 76 10.33 9.49 -3.55
C ALA A 76 11.46 9.35 -2.54
N CYS A 77 12.25 10.41 -2.36
CA CYS A 77 13.33 10.37 -1.39
C CYS A 77 12.81 10.17 0.03
N HIS A 78 11.74 10.89 0.39
CA HIS A 78 11.17 10.77 1.72
C HIS A 78 10.63 9.36 1.96
N ARG A 79 9.96 8.78 0.96
CA ARG A 79 9.44 7.44 1.11
C ARG A 79 10.57 6.42 1.25
N ALA A 80 11.62 6.55 0.45
CA ALA A 80 12.75 5.63 0.55
C ALA A 80 13.42 5.71 1.92
N LEU A 81 13.63 6.92 2.42
CA LEU A 81 14.25 7.06 3.74
C LEU A 81 13.36 6.51 4.84
N GLN A 82 12.04 6.76 4.75
CA GLN A 82 11.13 6.23 5.75
C GLN A 82 11.14 4.71 5.74
N ASP A 83 11.18 4.10 4.56
CA ASP A 83 11.25 2.64 4.48
C ASP A 83 12.57 2.12 5.02
N ALA A 84 13.66 2.85 4.78
CA ALA A 84 14.96 2.44 5.29
C ALA A 84 14.98 2.44 6.82
N PHE A 85 14.37 3.45 7.43
CA PHE A 85 14.46 3.58 8.88
C PHE A 85 13.32 2.90 9.63
N SER A 86 12.31 2.37 8.93
CA SER A 86 11.15 1.81 9.61
C SER A 86 11.52 0.48 10.27
N GLY A 87 11.32 0.39 11.58
CA GLY A 87 11.54 -0.85 12.31
C GLY A 87 12.97 -1.36 12.30
N LEU A 88 13.95 -0.46 12.20
CA LEU A 88 15.34 -0.91 12.28
C LEU A 88 15.69 -1.41 13.68
N PHE A 89 15.06 -0.84 14.70
CA PHE A 89 15.33 -1.18 16.09
C PHE A 89 14.31 -2.13 16.69
N TRP A 90 13.39 -2.64 15.88
CA TRP A 90 12.30 -3.46 16.39
C TRP A 90 12.73 -4.92 16.53
N GLN A 91 12.23 -5.58 17.58
CA GLN A 91 12.46 -6.99 17.82
C GLN A 91 11.13 -7.67 18.11
N PRO A 92 10.89 -8.85 17.52
CA PRO A 92 9.69 -9.66 17.77
C PRO A 92 9.69 -10.32 19.14
C ACE B 1 3.22 1.07 4.20
O ACE B 1 4.25 1.18 3.53
CH3 ACE B 1 1.87 0.91 3.60
N MET B 2 3.24 1.10 5.53
CA MET B 2 4.47 1.25 6.30
C MET B 2 4.69 0.01 7.17
N TYR B 3 5.96 -0.39 7.32
CA TYR B 3 6.25 -1.63 8.02
C TYR B 3 5.91 -1.53 9.51
N HIS B 4 6.13 -0.37 10.13
CA HIS B 4 6.07 -0.28 11.58
C HIS B 4 4.67 -0.48 12.14
N ASN B 5 3.63 -0.46 11.31
CA ASN B 5 2.30 -0.85 11.76
C ASN B 5 1.64 -1.78 10.74
N SER B 6 2.43 -2.62 10.10
CA SER B 6 1.96 -3.49 9.04
C SER B 6 1.51 -4.84 9.59
N SER B 7 0.88 -5.63 8.72
CA SER B 7 0.56 -7.01 9.06
C SER B 7 1.79 -7.90 9.04
N GLN B 8 2.77 -7.58 8.19
CA GLN B 8 4.01 -8.36 8.17
C GLN B 8 4.72 -8.30 9.51
N LYS B 9 4.84 -7.10 10.08
CA LYS B 9 5.47 -6.96 11.40
C LYS B 9 4.64 -7.64 12.48
N ARG B 10 3.31 -7.49 12.42
CA ARG B 10 2.46 -7.93 13.52
C ARG B 10 2.31 -9.44 13.56
N HIS B 11 2.10 -10.08 12.41
CA HIS B 11 1.74 -11.49 12.36
C HIS B 11 2.73 -12.39 11.63
N TRP B 12 3.70 -11.85 10.92
CA TRP B 12 4.56 -12.66 10.07
C TRP B 12 6.03 -12.36 10.30
N THR B 13 6.37 -11.90 11.50
CA THR B 13 7.75 -11.79 11.96
C THR B 13 7.84 -12.56 13.28
N PHE B 14 8.55 -13.68 13.27
CA PHE B 14 8.55 -14.62 14.39
C PHE B 14 9.84 -14.52 15.18
N SER B 15 9.76 -15.00 16.43
CA SER B 15 10.84 -14.78 17.38
C SER B 15 12.11 -15.54 16.99
N SER B 16 11.99 -16.82 16.66
CA SER B 16 13.18 -17.64 16.45
C SER B 16 12.88 -18.75 15.46
N GLU B 17 13.95 -19.40 15.02
CA GLU B 17 13.85 -20.56 14.14
C GLU B 17 13.02 -21.68 14.77
N GLU B 18 13.04 -21.77 16.10
CA GLU B 18 12.30 -22.82 16.79
C GLU B 18 10.80 -22.69 16.55
N GLN B 19 10.27 -21.47 16.57
CA GLN B 19 8.85 -21.27 16.32
C GLN B 19 8.48 -21.67 14.90
N LEU B 20 9.33 -21.33 13.93
CA LEU B 20 9.05 -21.71 12.55
C LEU B 20 9.08 -23.22 12.37
N ALA B 21 10.08 -23.89 12.96
CA ALA B 21 10.13 -25.34 12.90
C ALA B 21 8.91 -25.96 13.58
N ARG B 22 8.46 -25.34 14.66
CA ARG B 22 7.25 -25.84 15.34
C ARG B 22 6.03 -25.71 14.45
N LEU B 23 5.89 -24.59 13.75
CA LEU B 23 4.77 -24.42 12.83
C LEU B 23 4.80 -25.46 11.72
N ARG B 24 5.98 -25.66 11.12
CA ARG B 24 6.10 -26.65 10.04
C ARG B 24 5.82 -28.06 10.55
N ALA B 25 6.32 -28.39 11.73
CA ALA B 25 6.08 -29.72 12.31
C ALA B 25 4.61 -29.93 12.63
N ASP B 26 3.94 -28.91 13.16
CA ASP B 26 2.51 -29.01 13.43
C ASP B 26 1.73 -29.22 12.13
N ALA B 27 2.12 -28.52 11.06
CA ALA B 27 1.46 -28.73 9.77
C ALA B 27 1.66 -30.16 9.28
N ASN B 28 2.88 -30.67 9.36
CA ASN B 28 3.17 -32.03 8.92
C ASN B 28 2.36 -33.04 9.71
N ARG B 29 2.33 -32.87 11.03
CA ARG B 29 1.59 -33.81 11.89
C ARG B 29 0.09 -33.71 11.65
N LYS B 30 -0.42 -32.51 11.40
CA LYS B 30 -1.85 -32.36 11.12
C LYS B 30 -2.22 -33.06 9.82
N PHE B 31 -1.40 -32.92 8.78
CA PHE B 31 -1.68 -33.66 7.56
C PHE B 31 -1.61 -35.16 7.79
N ARG B 32 -0.63 -35.61 8.58
CA ARG B 32 -0.52 -37.05 8.86
C ARG B 32 -1.78 -37.57 9.54
N CYS B 33 -2.27 -36.84 10.54
CA CYS B 33 -3.49 -37.25 11.24
C CYS B 33 -4.69 -37.24 10.31
N LYS B 34 -4.80 -36.22 9.46
CA LYS B 34 -5.93 -36.15 8.53
C LYS B 34 -5.91 -37.31 7.55
N ALA B 35 -4.73 -37.63 7.01
CA ALA B 35 -4.62 -38.73 6.06
C ALA B 35 -4.89 -40.07 6.72
N VAL B 36 -4.44 -40.24 7.97
CA VAL B 36 -4.70 -41.49 8.69
C VAL B 36 -6.19 -41.66 8.93
N ALA B 37 -6.86 -40.59 9.37
CA ALA B 37 -8.30 -40.69 9.63
C ALA B 37 -9.10 -40.91 8.35
N ASN B 38 -8.85 -40.08 7.32
CA ASN B 38 -9.59 -40.21 6.07
C ASN B 38 -9.31 -41.54 5.38
N GLY B 39 -8.04 -41.95 5.35
CA GLY B 39 -7.65 -43.17 4.68
C GLY B 39 -7.61 -44.38 5.60
N ASP B 45 5.06 -45.88 7.68
CA ASP B 45 4.47 -45.59 6.38
C ASP B 45 5.41 -44.72 5.56
N PRO B 46 6.17 -45.33 4.65
CA PRO B 46 7.19 -44.59 3.90
C PRO B 46 6.63 -43.55 2.94
N VAL B 47 5.30 -43.47 2.77
CA VAL B 47 4.75 -42.45 1.88
C VAL B 47 4.87 -41.07 2.51
N PHE B 48 4.68 -40.97 3.82
CA PHE B 48 4.68 -39.67 4.49
C PHE B 48 6.06 -39.05 4.50
N LEU B 49 6.10 -37.73 4.60
CA LEU B 49 7.34 -36.97 4.64
C LEU B 49 7.51 -36.33 6.00
N GLU B 50 8.75 -36.31 6.48
CA GLU B 50 9.09 -35.65 7.72
C GLU B 50 9.32 -34.16 7.48
N PRO B 51 9.24 -33.34 8.53
CA PRO B 51 9.33 -31.88 8.33
C PRO B 51 10.59 -31.42 7.60
N HIS B 52 11.75 -32.05 7.85
CA HIS B 52 12.96 -31.64 7.14
C HIS B 52 12.86 -31.96 5.64
N GLU B 53 12.19 -33.06 5.30
CA GLU B 53 11.94 -33.37 3.90
C GLU B 53 11.01 -32.33 3.26
N GLU B 54 9.97 -31.93 3.99
CA GLU B 54 9.11 -30.86 3.51
C GLU B 54 9.89 -29.57 3.31
N MET B 55 10.84 -29.28 4.20
CA MET B 55 11.66 -28.10 4.06
C MET B 55 12.54 -28.16 2.83
N THR B 56 13.13 -29.32 2.56
CA THR B 56 13.92 -29.47 1.35
C THR B 56 13.07 -29.25 0.10
N LEU B 57 11.87 -29.82 0.08
CA LEU B 57 10.98 -29.62 -1.06
C LEU B 57 10.58 -28.16 -1.20
N CYS B 58 10.28 -27.50 -0.08
CA CYS B 58 9.90 -26.09 -0.11
C CYS B 58 11.03 -25.21 -0.61
N LYS B 59 12.26 -25.49 -0.19
CA LYS B 59 13.39 -24.74 -0.71
C LYS B 59 13.55 -24.95 -2.21
N TYR B 60 13.41 -26.19 -2.65
CA TYR B 60 13.50 -26.49 -4.08
C TYR B 60 12.46 -25.70 -4.86
N TYR B 61 11.23 -25.69 -4.39
CA TYR B 61 10.17 -25.02 -5.14
C TYR B 61 10.19 -23.51 -4.97
N GLU B 62 10.77 -22.99 -3.89
CA GLU B 62 11.04 -21.55 -3.84
C GLU B 62 12.06 -21.16 -4.90
N LYS B 63 13.08 -22.00 -5.08
CA LYS B 63 14.01 -21.79 -6.19
C LYS B 63 13.28 -21.85 -7.53
N ARG B 64 12.36 -22.81 -7.67
CA ARG B 64 11.57 -22.90 -8.90
C ARG B 64 10.74 -21.64 -9.14
N LEU B 65 10.12 -21.12 -8.08
CA LEU B 65 9.35 -19.89 -8.20
C LEU B 65 10.22 -18.72 -8.61
N LEU B 66 11.42 -18.62 -8.04
CA LEU B 66 12.34 -17.56 -8.43
C LEU B 66 12.72 -17.68 -9.90
N GLU B 67 12.99 -18.90 -10.36
CA GLU B 67 13.31 -19.10 -11.78
C GLU B 67 12.14 -18.75 -12.67
N PHE B 68 10.92 -19.12 -12.26
CA PHE B 68 9.73 -18.78 -13.03
C PHE B 68 9.56 -17.28 -13.15
N CYS B 69 9.74 -16.55 -12.04
CA CYS B 69 9.59 -15.11 -12.05
C CYS B 69 10.72 -14.40 -12.78
N SER B 70 11.91 -15.01 -12.87
CA SER B 70 13.04 -14.38 -13.53
C SER B 70 12.98 -14.48 -15.05
N VAL B 71 12.09 -15.30 -15.60
CA VAL B 71 11.88 -15.39 -17.04
C VAL B 71 10.46 -15.00 -17.44
N PHE B 72 9.69 -14.46 -16.51
CA PHE B 72 8.32 -14.06 -16.79
C PHE B 72 8.30 -12.90 -17.78
N LYS B 73 7.39 -12.98 -18.75
CA LYS B 73 7.16 -11.91 -19.70
C LYS B 73 5.74 -11.38 -19.53
N PRO B 74 5.54 -10.05 -19.42
CA PRO B 74 6.54 -8.96 -19.51
C PRO B 74 7.46 -8.92 -18.30
N ALA B 75 8.44 -8.02 -18.30
CA ALA B 75 9.38 -7.90 -17.20
C ALA B 75 8.65 -7.82 -15.87
N MET B 76 9.02 -8.70 -14.96
CA MET B 76 8.29 -8.88 -13.71
C MET B 76 9.01 -8.11 -12.61
N PRO B 77 8.37 -7.13 -11.98
CA PRO B 77 9.08 -6.31 -10.99
C PRO B 77 9.62 -7.15 -9.84
N ARG B 78 10.80 -6.78 -9.36
CA ARG B 78 11.44 -7.53 -8.28
C ARG B 78 10.61 -7.49 -7.00
N SER B 79 9.85 -6.41 -6.79
CA SER B 79 8.94 -6.37 -5.65
C SER B 79 7.87 -7.44 -5.78
N VAL B 80 7.39 -7.69 -7.01
CA VAL B 80 6.39 -8.73 -7.22
C VAL B 80 6.97 -10.09 -6.85
N VAL B 81 8.21 -10.34 -7.27
CA VAL B 81 8.87 -11.62 -6.99
C VAL B 81 9.06 -11.79 -5.49
N GLY B 82 9.49 -10.74 -4.80
CA GLY B 82 9.63 -10.82 -3.36
C GLY B 82 8.32 -11.11 -2.66
N THR B 83 7.24 -10.44 -3.11
CA THR B 83 5.92 -10.70 -2.55
C THR B 83 5.50 -12.15 -2.77
N ALA B 84 5.76 -12.68 -3.97
CA ALA B 84 5.40 -14.06 -4.27
C ALA B 84 6.17 -15.06 -3.42
N CYS B 85 7.48 -14.84 -3.27
CA CYS B 85 8.29 -15.73 -2.44
C CYS B 85 7.87 -15.67 -0.98
N MET B 86 7.51 -14.46 -0.51
CA MET B 86 6.98 -14.34 0.84
C MET B 86 5.67 -15.09 0.99
N TYR B 87 4.80 -15.03 -0.02
CA TYR B 87 3.57 -15.80 0.00
C TYR B 87 3.86 -17.29 0.11
N PHE B 88 4.82 -17.77 -0.66
CA PHE B 88 5.20 -19.18 -0.62
C PHE B 88 5.65 -19.60 0.78
N LYS B 89 6.58 -18.83 1.35
CA LYS B 89 7.07 -19.14 2.69
C LYS B 89 5.95 -19.14 3.72
N ARG B 90 5.10 -18.11 3.68
CA ARG B 90 4.02 -18.01 4.65
C ARG B 90 3.03 -19.15 4.49
N PHE B 91 2.74 -19.54 3.24
CA PHE B 91 1.81 -20.63 3.03
C PHE B 91 2.34 -21.92 3.62
N TYR B 92 3.62 -22.21 3.41
CA TYR B 92 4.15 -23.48 3.88
C TYR B 92 4.67 -23.41 5.31
N LEU B 93 4.51 -22.27 5.99
CA LEU B 93 4.64 -22.26 7.44
C LEU B 93 3.57 -23.10 8.11
N ASN B 94 2.34 -23.04 7.59
CA ASN B 94 1.19 -23.68 8.23
C ASN B 94 0.53 -24.75 7.36
N ASN B 95 1.13 -25.11 6.23
CA ASN B 95 0.53 -26.07 5.33
C ASN B 95 1.58 -27.08 4.89
N SER B 96 1.13 -28.31 4.68
CA SER B 96 2.02 -29.38 4.24
C SER B 96 2.07 -29.42 2.73
N VAL B 97 3.26 -29.65 2.18
CA VAL B 97 3.41 -29.88 0.75
C VAL B 97 2.71 -31.15 0.34
N MET B 98 2.38 -32.02 1.29
CA MET B 98 1.66 -33.26 0.99
C MET B 98 0.19 -33.01 0.72
N GLU B 99 -0.39 -31.97 1.31
CA GLU B 99 -1.79 -31.64 1.05
C GLU B 99 -1.96 -30.79 -0.20
N TYR B 100 -1.21 -29.70 -0.29
CA TYR B 100 -1.23 -28.81 -1.44
C TYR B 100 0.12 -28.87 -2.13
N HIS B 101 0.12 -29.21 -3.42
CA HIS B 101 1.38 -29.38 -4.13
C HIS B 101 2.06 -28.03 -4.32
N PRO B 102 3.33 -27.92 -3.94
CA PRO B 102 4.04 -26.64 -4.12
C PRO B 102 4.16 -26.19 -5.57
N ARG B 103 4.08 -27.12 -6.53
CA ARG B 103 4.15 -26.72 -7.93
C ARG B 103 3.00 -25.80 -8.30
N ILE B 104 1.80 -26.10 -7.80
CA ILE B 104 0.65 -25.24 -8.06
C ILE B 104 0.66 -24.03 -7.13
N ILE B 105 1.06 -24.24 -5.88
CA ILE B 105 0.99 -23.17 -4.89
C ILE B 105 1.93 -22.04 -5.26
N MET B 106 3.11 -22.35 -5.81
CA MET B 106 4.04 -21.29 -6.18
C MET B 106 3.50 -20.46 -7.35
N LEU B 107 2.85 -21.11 -8.31
CA LEU B 107 2.23 -20.36 -9.40
C LEU B 107 1.07 -19.51 -8.91
N THR B 108 0.30 -20.04 -7.97
CA THR B 108 -0.76 -19.25 -7.35
C THR B 108 -0.20 -18.06 -6.60
N CYS B 109 0.95 -18.24 -5.94
CA CYS B 109 1.61 -17.15 -5.25
C CYS B 109 2.04 -16.07 -6.23
N ALA B 110 2.61 -16.47 -7.37
CA ALA B 110 2.99 -15.49 -8.38
C ALA B 110 1.76 -14.75 -8.92
N PHE B 111 0.67 -15.48 -9.17
CA PHE B 111 -0.56 -14.88 -9.68
C PHE B 111 -1.12 -13.84 -8.70
N LEU B 112 -1.25 -14.24 -7.44
CA LEU B 112 -1.77 -13.34 -6.42
C LEU B 112 -0.85 -12.14 -6.21
N ALA B 113 0.47 -12.36 -6.23
CA ALA B 113 1.41 -11.26 -6.08
C ALA B 113 1.30 -10.27 -7.23
N CYS B 114 1.13 -10.78 -8.45
CA CYS B 114 0.94 -9.88 -9.59
C CYS B 114 -0.30 -9.05 -9.42
N LYS B 115 -1.40 -9.64 -8.92
CA LYS B 115 -2.60 -8.86 -8.67
C LYS B 115 -2.38 -7.83 -7.56
N VAL B 116 -1.76 -8.24 -6.47
CA VAL B 116 -1.67 -7.40 -5.27
C VAL B 116 -0.72 -6.23 -5.50
N ASP B 117 0.40 -6.47 -6.17
CA ASP B 117 1.38 -5.42 -6.41
C ASP B 117 0.89 -4.39 -7.43
N GLU B 118 -0.26 -4.64 -8.05
CA GLU B 118 -0.82 -3.82 -9.14
C GLU B 118 -0.01 -3.97 -10.42
N PHE B 119 0.62 -5.13 -10.59
CA PHE B 119 1.30 -5.49 -11.83
C PHE B 119 0.26 -6.17 -12.72
N ASN B 120 -0.39 -5.36 -13.56
CA ASN B 120 -1.52 -5.86 -14.35
C ASN B 120 -1.03 -6.79 -15.45
N VAL B 121 -1.55 -8.01 -15.47
CA VAL B 121 -1.27 -8.98 -16.50
C VAL B 121 -2.48 -9.89 -16.63
N SER B 122 -2.85 -10.23 -17.86
CA SER B 122 -4.01 -11.07 -18.09
C SER B 122 -3.68 -12.53 -17.79
N SER B 123 -4.71 -13.29 -17.41
CA SER B 123 -4.50 -14.70 -17.07
C SER B 123 -3.91 -15.51 -18.21
N PRO B 124 -4.41 -15.43 -19.46
CA PRO B 124 -3.71 -16.14 -20.55
C PRO B 124 -2.27 -15.69 -20.72
N GLN B 125 -2.00 -14.39 -20.55
CA GLN B 125 -0.63 -13.89 -20.62
C GLN B 125 0.22 -14.48 -19.50
N PHE B 126 -0.36 -14.63 -18.30
CA PHE B 126 0.34 -15.24 -17.19
C PHE B 126 0.69 -16.69 -17.49
N VAL B 127 -0.31 -17.48 -17.91
CA VAL B 127 -0.07 -18.91 -18.11
C VAL B 127 0.73 -19.18 -19.37
N GLY B 128 0.84 -18.21 -20.28
CA GLY B 128 1.70 -18.39 -21.43
C GLY B 128 3.17 -18.48 -21.09
N ASN B 129 3.56 -17.97 -19.92
CA ASN B 129 4.95 -18.07 -19.49
C ASN B 129 5.33 -19.48 -19.07
N LEU B 130 4.35 -20.34 -18.77
CA LEU B 130 4.64 -21.72 -18.45
C LEU B 130 5.07 -22.47 -19.71
N ARG B 131 6.16 -23.23 -19.61
CA ARG B 131 6.69 -23.98 -20.74
C ARG B 131 5.93 -25.29 -20.90
N GLU B 132 4.63 -25.17 -21.15
CA GLU B 132 3.74 -26.31 -21.30
C GLU B 132 2.84 -26.11 -22.51
N SER B 133 2.27 -27.22 -22.98
CA SER B 133 1.34 -27.17 -24.11
C SER B 133 0.07 -26.40 -23.71
N PRO B 134 -0.67 -25.90 -24.70
CA PRO B 134 -1.86 -25.08 -24.37
C PRO B 134 -2.86 -25.76 -23.45
N LEU B 135 -3.09 -27.07 -23.61
CA LEU B 135 -3.94 -27.77 -22.66
C LEU B 135 -3.34 -27.76 -21.27
N GLY B 136 -2.02 -27.92 -21.17
CA GLY B 136 -1.35 -27.81 -19.88
C GLY B 136 -1.50 -26.42 -19.28
N GLN B 137 -1.41 -25.38 -20.12
CA GLN B 137 -1.58 -24.03 -19.63
C GLN B 137 -3.01 -23.79 -19.13
N GLU B 138 -4.01 -24.30 -19.85
CA GLU B 138 -5.38 -24.15 -19.39
C GLU B 138 -5.63 -24.91 -18.10
N LYS B 139 -5.07 -26.11 -17.97
CA LYS B 139 -5.19 -26.87 -16.73
C LYS B 139 -4.53 -26.13 -15.58
N ALA B 140 -3.34 -25.58 -15.82
CA ALA B 140 -2.65 -24.81 -14.79
C ALA B 140 -3.45 -23.58 -14.38
N LEU B 141 -4.07 -22.91 -15.35
CA LEU B 141 -4.90 -21.75 -15.03
C LEU B 141 -6.09 -22.15 -14.17
N GLU B 142 -6.73 -23.27 -14.50
CA GLU B 142 -7.85 -23.74 -13.69
C GLU B 142 -7.39 -24.06 -12.27
N GLN B 143 -6.24 -24.72 -12.13
CA GLN B 143 -5.71 -25.03 -10.81
C GLN B 143 -5.39 -23.76 -10.02
N ILE B 144 -4.79 -22.77 -10.67
CA ILE B 144 -4.48 -21.50 -10.01
C ILE B 144 -5.75 -20.81 -9.56
N LEU B 145 -6.78 -20.81 -10.42
CA LEU B 145 -8.04 -20.20 -10.04
C LEU B 145 -8.66 -20.90 -8.84
N GLU B 146 -8.56 -22.22 -8.80
CA GLU B 146 -9.07 -22.96 -7.65
C GLU B 146 -8.29 -22.61 -6.38
N TYR B 147 -6.98 -22.49 -6.48
CA TYR B 147 -6.11 -22.31 -5.31
C TYR B 147 -5.95 -20.86 -4.86
N GLU B 148 -6.41 -19.89 -5.65
CA GLU B 148 -6.14 -18.48 -5.32
C GLU B 148 -6.83 -18.09 -4.00
N LEU B 149 -8.10 -18.43 -3.86
CA LEU B 149 -8.81 -18.08 -2.62
C LEU B 149 -8.24 -18.85 -1.43
N LEU B 150 -7.84 -20.11 -1.64
CA LEU B 150 -7.21 -20.87 -0.58
C LEU B 150 -5.92 -20.23 -0.12
N LEU B 151 -5.09 -19.80 -1.07
CA LEU B 151 -3.84 -19.13 -0.73
C LEU B 151 -4.12 -17.85 0.04
N ILE B 152 -5.10 -17.06 -0.42
CA ILE B 152 -5.42 -15.82 0.27
C ILE B 152 -5.89 -16.09 1.69
N GLN B 153 -6.72 -17.12 1.88
CA GLN B 153 -7.18 -17.47 3.22
C GLN B 153 -6.02 -17.91 4.11
N GLN B 154 -5.10 -18.70 3.56
CA GLN B 154 -3.96 -19.18 4.35
C GLN B 154 -2.97 -18.07 4.68
N LEU B 155 -3.02 -16.96 3.96
CA LEU B 155 -2.25 -15.78 4.33
C LEU B 155 -2.99 -14.89 5.30
N ASN B 156 -4.16 -15.32 5.77
CA ASN B 156 -5.00 -14.53 6.67
C ASN B 156 -5.36 -13.17 6.08
N PHE B 157 -5.43 -13.12 4.75
CA PHE B 157 -5.74 -11.90 4.01
C PHE B 157 -4.75 -10.79 4.33
N HIS B 158 -3.48 -11.17 4.44
CA HIS B 158 -2.38 -10.22 4.63
C HIS B 158 -1.54 -10.25 3.36
N LEU B 159 -1.85 -9.33 2.45
CA LEU B 159 -1.30 -9.39 1.10
C LEU B 159 -0.17 -8.40 0.86
N ILE B 160 -0.12 -7.31 1.60
CA ILE B 160 0.96 -6.34 1.43
C ILE B 160 2.22 -6.90 2.09
N VAL B 161 3.26 -7.09 1.28
CA VAL B 161 4.54 -7.62 1.74
C VAL B 161 5.58 -6.52 1.63
N HIS B 162 6.25 -6.22 2.73
CA HIS B 162 7.30 -5.20 2.74
C HIS B 162 8.63 -5.88 2.44
N ASN B 163 9.13 -5.64 1.25
CA ASN B 163 10.40 -6.18 0.82
C ASN B 163 11.55 -5.31 1.32
N PRO B 164 12.78 -5.83 1.34
CA PRO B 164 13.92 -5.02 1.77
C PRO B 164 14.53 -4.13 0.70
N TYR B 165 14.01 -4.13 -0.54
CA TYR B 165 14.66 -3.40 -1.61
C TYR B 165 14.50 -1.89 -1.46
N ARG B 166 13.30 -1.42 -1.13
CA ARG B 166 13.13 0.01 -0.87
C ARG B 166 13.91 0.47 0.35
N PRO B 167 13.92 -0.24 1.49
CA PRO B 167 14.84 0.15 2.57
C PRO B 167 16.29 0.14 2.14
N PHE B 168 16.68 -0.79 1.25
CA PHE B 168 18.04 -0.78 0.72
C PHE B 168 18.32 0.52 -0.03
N GLU B 169 17.38 0.96 -0.86
CA GLU B 169 17.53 2.22 -1.58
C GLU B 169 17.61 3.40 -0.61
N GLY B 170 16.75 3.41 0.41
CA GLY B 170 16.78 4.49 1.37
C GLY B 170 18.08 4.56 2.15
N PHE B 171 18.62 3.40 2.53
CA PHE B 171 19.91 3.36 3.20
C PHE B 171 21.02 3.86 2.29
N LEU B 172 20.93 3.53 0.99
CA LEU B 172 21.93 4.05 0.06
C LEU B 172 21.85 5.57 -0.04
N ILE B 173 20.64 6.14 -0.08
CA ILE B 173 20.50 7.59 -0.10
C ILE B 173 21.09 8.20 1.16
N ASP B 174 20.80 7.59 2.32
CA ASP B 174 21.31 8.10 3.59
C ASP B 174 22.83 8.02 3.64
N LEU B 175 23.42 6.94 3.14
CA LEU B 175 24.87 6.81 3.11
C LEU B 175 25.50 7.85 2.19
N LYS B 176 24.91 8.05 1.01
CA LYS B 176 25.45 9.04 0.08
C LYS B 176 25.37 10.45 0.65
N THR B 177 24.36 10.72 1.47
CA THR B 177 24.19 12.06 2.02
C THR B 177 25.03 12.29 3.28
N ARG B 178 24.81 11.47 4.31
CA ARG B 178 25.28 11.75 5.66
C ARG B 178 26.53 10.96 6.07
N TYR B 179 27.13 10.18 5.19
CA TYR B 179 28.29 9.35 5.53
C TYR B 179 29.41 9.59 4.51
N PRO B 180 30.09 10.74 4.61
CA PRO B 180 31.20 11.01 3.68
C PRO B 180 32.38 10.06 3.84
N ILE B 181 32.49 9.34 4.96
CA ILE B 181 33.57 8.37 5.12
C ILE B 181 33.50 7.33 4.02
N LEU B 182 32.32 6.79 3.78
CA LEU B 182 32.06 5.96 2.60
C LEU B 182 31.80 6.91 1.43
N GLU B 183 32.79 7.03 0.54
CA GLU B 183 32.71 8.04 -0.51
C GLU B 183 31.71 7.65 -1.59
N ASN B 184 31.71 6.38 -2.00
CA ASN B 184 30.81 5.89 -3.05
C ASN B 184 30.06 4.68 -2.52
N PRO B 185 28.91 4.90 -1.87
CA PRO B 185 28.11 3.75 -1.41
C PRO B 185 27.59 2.88 -2.54
N GLU B 186 27.59 3.37 -3.78
CA GLU B 186 27.12 2.57 -4.91
C GLU B 186 27.93 1.30 -5.08
N ILE B 187 29.24 1.35 -4.80
CA ILE B 187 30.08 0.16 -4.90
C ILE B 187 29.63 -0.92 -3.92
N LEU B 188 28.83 -0.56 -2.92
CA LEU B 188 28.30 -1.54 -1.99
C LEU B 188 27.15 -2.35 -2.57
N ARG B 189 26.54 -1.89 -3.67
CA ARG B 189 25.26 -2.42 -4.13
C ARG B 189 25.32 -3.90 -4.50
N LYS B 190 26.08 -4.23 -5.54
CA LYS B 190 26.05 -5.57 -6.12
C LYS B 190 26.17 -6.65 -5.06
N THR B 191 27.29 -6.64 -4.32
CA THR B 191 27.52 -7.64 -3.29
C THR B 191 26.39 -7.63 -2.26
N ALA B 192 25.99 -6.44 -1.81
CA ALA B 192 24.87 -6.36 -0.88
C ALA B 192 23.64 -7.02 -1.47
N ASP B 193 23.32 -6.69 -2.73
CA ASP B 193 22.20 -7.34 -3.38
C ASP B 193 22.40 -8.85 -3.41
N ASP B 194 23.62 -9.29 -3.75
CA ASP B 194 23.92 -10.72 -3.71
C ASP B 194 23.62 -11.28 -2.33
N PHE B 195 24.11 -10.61 -1.28
CA PHE B 195 23.82 -11.09 0.06
C PHE B 195 22.32 -11.09 0.31
N LEU B 196 21.64 -10.04 -0.14
CA LEU B 196 20.19 -10.00 -0.04
C LEU B 196 19.57 -11.27 -0.61
N ASN B 197 20.02 -11.66 -1.81
CA ASN B 197 19.51 -12.87 -2.44
C ASN B 197 19.69 -14.07 -1.52
N ARG B 198 20.90 -14.22 -0.96
CA ARG B 198 21.15 -15.32 -0.05
C ARG B 198 20.26 -15.24 1.17
N ILE B 199 20.07 -14.03 1.70
CA ILE B 199 19.21 -13.86 2.86
C ILE B 199 17.78 -14.28 2.52
N ALA B 200 17.39 -14.13 1.25
CA ALA B 200 16.05 -14.54 0.85
C ALA B 200 15.87 -16.05 0.95
N LEU B 201 16.94 -16.82 0.73
CA LEU B 201 16.83 -18.27 0.72
C LEU B 201 16.61 -18.85 2.11
N THR B 202 16.96 -18.12 3.15
CA THR B 202 16.79 -18.58 4.53
C THR B 202 15.40 -18.18 5.02
N ASP B 203 15.18 -18.33 6.32
CA ASP B 203 13.94 -17.92 6.96
C ASP B 203 13.98 -16.50 7.48
N ALA B 204 14.99 -15.72 7.09
CA ALA B 204 15.19 -14.40 7.66
C ALA B 204 14.00 -13.48 7.42
N TYR B 205 13.29 -13.65 6.29
CA TYR B 205 12.15 -12.80 6.00
C TYR B 205 11.02 -12.98 7.00
N LEU B 206 10.98 -14.10 7.72
CA LEU B 206 10.01 -14.33 8.77
C LEU B 206 10.54 -13.99 10.16
N LEU B 207 11.82 -13.60 10.27
CA LEU B 207 12.45 -13.37 11.56
C LEU B 207 12.96 -11.96 11.78
N TYR B 208 13.17 -11.19 10.73
CA TYR B 208 13.75 -9.86 10.85
C TYR B 208 12.97 -8.86 9.99
N THR B 209 13.08 -7.59 10.36
CA THR B 209 12.42 -6.53 9.63
C THR B 209 13.14 -6.29 8.29
N PRO B 210 12.42 -5.80 7.28
CA PRO B 210 13.07 -5.50 6.00
C PRO B 210 14.19 -4.49 6.12
N SER B 211 14.06 -3.51 7.00
CA SER B 211 15.13 -2.55 7.21
C SER B 211 16.36 -3.22 7.83
N GLN B 212 16.15 -4.10 8.82
CA GLN B 212 17.25 -4.84 9.40
C GLN B 212 17.95 -5.71 8.35
N ILE B 213 17.16 -6.36 7.49
CA ILE B 213 17.73 -7.19 6.44
C ILE B 213 18.55 -6.36 5.47
N ALA B 214 18.01 -5.21 5.04
CA ALA B 214 18.74 -4.35 4.11
C ALA B 214 20.03 -3.81 4.72
N LEU B 215 19.97 -3.39 5.98
CA LEU B 215 21.16 -2.89 6.65
C LEU B 215 22.20 -3.99 6.83
N THR B 216 21.75 -5.19 7.19
CA THR B 216 22.67 -6.31 7.32
C THR B 216 23.35 -6.62 6.00
N ALA B 217 22.60 -6.60 4.89
CA ALA B 217 23.20 -6.84 3.60
C ALA B 217 24.22 -5.76 3.24
N ILE B 218 23.88 -4.49 3.51
CA ILE B 218 24.80 -3.39 3.19
C ILE B 218 26.08 -3.52 4.00
N LEU B 219 25.94 -3.82 5.30
CA LEU B 219 27.10 -3.90 6.17
C LEU B 219 27.94 -5.15 5.90
N SER B 220 27.30 -6.24 5.48
CA SER B 220 28.05 -7.40 5.03
C SER B 220 28.86 -7.08 3.78
N SER B 221 28.25 -6.33 2.86
CA SER B 221 28.99 -5.87 1.69
C SER B 221 30.17 -4.99 2.08
N ALA B 222 29.96 -4.10 3.06
CA ALA B 222 31.04 -3.22 3.50
C ALA B 222 32.16 -4.00 4.16
N SER B 223 31.82 -4.96 5.02
CA SER B 223 32.84 -5.77 5.68
C SER B 223 33.61 -6.62 4.67
N ARG B 224 32.89 -7.20 3.70
CA ARG B 224 33.55 -8.00 2.67
C ARG B 224 34.47 -7.13 1.82
N ALA B 225 34.08 -5.88 1.56
CA ALA B 225 34.93 -4.96 0.83
C ALA B 225 36.11 -4.47 1.65
N GLY B 226 36.15 -4.76 2.94
CA GLY B 226 37.24 -4.32 3.78
C GLY B 226 37.02 -2.98 4.46
N ILE B 227 35.76 -2.60 4.68
CA ILE B 227 35.41 -1.31 5.27
C ILE B 227 34.65 -1.58 6.56
N THR B 228 35.17 -1.08 7.67
CA THR B 228 34.50 -1.16 8.96
C THR B 228 33.77 0.16 9.16
N MET B 229 32.56 0.25 8.62
CA MET B 229 31.75 1.46 8.69
C MET B 229 30.76 1.38 9.86
N GLU B 230 31.32 1.22 11.06
CA GLU B 230 30.52 1.18 12.28
C GLU B 230 30.14 2.57 12.76
N SER B 231 30.83 3.61 12.30
CA SER B 231 30.48 4.97 12.69
C SER B 231 29.12 5.39 12.14
N TYR B 232 28.69 4.81 11.03
CA TYR B 232 27.36 5.08 10.51
C TYR B 232 26.31 4.70 11.54
N LEU B 233 26.46 3.53 12.14
CA LEU B 233 25.57 3.11 13.22
C LEU B 233 25.77 3.98 14.44
N SER B 234 27.02 4.16 14.88
CA SER B 234 27.28 4.88 16.12
C SER B 234 26.83 6.33 16.04
N GLU B 235 27.26 7.06 15.01
CA GLU B 235 27.07 8.50 14.93
C GLU B 235 25.86 8.90 14.09
N SER B 236 25.84 8.49 12.82
CA SER B 236 24.76 8.92 11.93
C SER B 236 23.41 8.40 12.39
N LEU B 237 23.35 7.14 12.82
CA LEU B 237 22.12 6.54 13.32
C LEU B 237 21.89 6.80 14.79
N MET B 238 22.71 7.65 15.43
CA MET B 238 22.50 8.14 16.79
C MET B 238 22.77 7.06 17.84
N LEU B 239 23.13 5.85 17.43
CA LEU B 239 23.31 4.73 18.35
C LEU B 239 24.51 4.89 19.29
N LYS B 240 25.19 6.03 19.29
CA LYS B 240 26.25 6.26 20.27
C LYS B 240 25.71 6.51 21.66
N GLU B 241 24.61 7.27 21.78
CA GLU B 241 24.01 7.53 23.08
C GLU B 241 23.35 6.27 23.64
N ASN B 242 22.73 5.47 22.80
CA ASN B 242 22.03 4.25 23.21
C ASN B 242 22.93 3.05 22.95
N ARG B 243 23.50 2.50 24.03
CA ARG B 243 24.30 1.28 23.91
C ARG B 243 23.41 0.05 23.70
N THR B 244 22.28 -0.01 24.39
CA THR B 244 21.40 -1.17 24.28
C THR B 244 20.92 -1.34 22.85
N CYS B 245 20.51 -0.26 22.19
CA CYS B 245 20.07 -0.34 20.81
C CYS B 245 21.20 -0.79 19.89
N LEU B 246 22.41 -0.27 20.11
CA LEU B 246 23.54 -0.63 19.27
C LEU B 246 23.82 -2.14 19.37
N SER B 247 23.86 -2.67 20.59
CA SER B 247 24.11 -4.10 20.76
C SER B 247 22.95 -4.92 20.21
N GLN B 248 21.71 -4.48 20.45
CA GLN B 248 20.53 -5.19 19.98
C GLN B 248 20.38 -5.18 18.47
N LEU B 249 21.06 -4.26 17.79
CA LEU B 249 21.13 -4.32 16.33
C LEU B 249 22.29 -5.17 15.86
N LEU B 250 23.44 -5.06 16.52
CA LEU B 250 24.61 -5.81 16.09
C LEU B 250 24.37 -7.30 16.19
N ASP B 251 23.71 -7.77 17.25
CA ASP B 251 23.48 -9.21 17.35
C ASP B 251 22.43 -9.67 16.34
N ILE B 252 21.51 -8.79 15.96
CA ILE B 252 20.55 -9.12 14.91
C ILE B 252 21.27 -9.36 13.59
N MET B 253 22.16 -8.44 13.21
CA MET B 253 22.91 -8.65 11.98
C MET B 253 23.81 -9.88 12.07
N LYS B 254 24.41 -10.11 13.23
CA LYS B 254 25.27 -11.28 13.40
C LYS B 254 24.47 -12.57 13.22
N SER B 255 23.28 -12.64 13.83
CA SER B 255 22.44 -13.82 13.67
C SER B 255 21.96 -13.97 12.23
N MET B 256 21.70 -12.87 11.54
CA MET B 256 21.34 -12.96 10.12
C MET B 256 22.48 -13.56 9.32
N ARG B 257 23.70 -13.10 9.57
CA ARG B 257 24.86 -13.64 8.87
C ARG B 257 25.04 -15.13 9.20
N ASN B 258 24.78 -15.52 10.44
CA ASN B 258 24.89 -16.91 10.82
C ASN B 258 23.81 -17.77 10.15
N LEU B 259 22.60 -17.22 10.01
CA LEU B 259 21.56 -17.93 9.27
C LEU B 259 21.97 -18.16 7.83
N VAL B 260 22.56 -17.14 7.20
CA VAL B 260 23.06 -17.33 5.83
C VAL B 260 24.19 -18.34 5.81
N LYS B 261 25.01 -18.36 6.86
CA LYS B 261 26.14 -19.29 6.92
C LYS B 261 25.65 -20.74 7.02
N LYS B 262 24.63 -20.99 7.83
CA LYS B 262 24.17 -22.34 8.12
C LYS B 262 23.14 -22.87 7.13
N TYR B 263 22.73 -22.05 6.15
CA TYR B 263 21.79 -22.52 5.15
C TYR B 263 22.49 -23.48 4.18
N GLU B 264 21.78 -24.53 3.78
CA GLU B 264 22.32 -25.53 2.88
C GLU B 264 21.39 -25.69 1.68
N PRO B 265 21.86 -25.53 0.46
CA PRO B 265 20.99 -25.73 -0.70
C PRO B 265 20.58 -27.18 -0.82
N PRO B 266 19.38 -27.46 -1.34
CA PRO B 266 18.97 -28.85 -1.54
C PRO B 266 19.87 -29.57 -2.53
N ARG B 267 20.10 -30.85 -2.28
CA ARG B 267 20.90 -31.67 -3.18
C ARG B 267 20.03 -32.29 -4.26
N SER B 268 20.68 -32.66 -5.37
CA SER B 268 19.94 -33.01 -6.58
C SER B 268 19.20 -34.34 -6.44
N GLU B 269 19.92 -35.43 -6.23
CA GLU B 269 19.26 -36.74 -6.17
C GLU B 269 18.40 -36.87 -4.91
N GLU B 270 18.78 -36.19 -3.83
CA GLU B 270 17.92 -36.13 -2.66
C GLU B 270 16.59 -35.48 -3.01
N VAL B 271 16.64 -34.38 -3.76
CA VAL B 271 15.41 -33.73 -4.22
C VAL B 271 14.63 -34.66 -5.14
N ALA B 272 15.33 -35.46 -5.96
CA ALA B 272 14.62 -36.40 -6.83
C ALA B 272 13.87 -37.43 -6.01
N VAL B 273 14.50 -37.96 -4.96
CA VAL B 273 13.84 -38.94 -4.08
C VAL B 273 12.60 -38.31 -3.44
N LEU B 274 12.74 -37.10 -2.91
CA LEU B 274 11.57 -36.47 -2.28
C LEU B 274 10.51 -36.06 -3.29
N LYS B 275 10.89 -35.75 -4.53
CA LYS B 275 9.89 -35.46 -5.54
C LYS B 275 9.07 -36.71 -5.87
N GLN B 276 9.74 -37.86 -5.96
CA GLN B 276 9.02 -39.11 -6.13
C GLN B 276 8.11 -39.39 -4.93
N LYS B 277 8.61 -39.10 -3.72
CA LYS B 277 7.79 -39.28 -2.53
C LYS B 277 6.54 -38.40 -2.56
N LEU B 278 6.70 -37.13 -2.96
CA LEU B 278 5.57 -36.21 -3.02
C LEU B 278 4.58 -36.61 -4.10
N GLU B 279 5.09 -37.07 -5.26
CA GLU B 279 4.21 -37.57 -6.30
C GLU B 279 3.40 -38.76 -5.82
N ARG B 280 4.04 -39.68 -5.08
CA ARG B 280 3.30 -40.80 -4.50
C ARG B 280 2.26 -40.33 -3.51
N CYS B 281 2.61 -39.31 -2.70
CA CYS B 281 1.65 -38.78 -1.74
C CYS B 281 0.43 -38.18 -2.44
N HIS B 282 0.64 -37.47 -3.54
CA HIS B 282 -0.45 -36.83 -4.24
C HIS B 282 -1.19 -37.77 -5.19
N SER B 283 -0.63 -38.92 -5.51
CA SER B 283 -1.34 -39.90 -6.32
C SER B 283 -2.14 -40.88 -5.46
N ALA B 284 -1.56 -41.35 -4.36
CA ALA B 284 -2.28 -42.29 -3.49
C ALA B 284 -3.50 -41.64 -2.86
N GLU B 285 -3.48 -40.33 -2.67
CA GLU B 285 -4.62 -39.61 -2.09
C GLU B 285 -5.76 -39.50 -3.08
N LYS C 13 -23.53 -19.19 5.93
CA LYS C 13 -22.29 -18.65 6.46
C LYS C 13 -22.46 -18.14 7.89
N ARG C 14 -21.46 -17.42 8.39
CA ARG C 14 -21.48 -16.90 9.74
C ARG C 14 -22.28 -15.60 9.85
N TYR C 15 -22.56 -14.94 8.74
CA TYR C 15 -23.29 -13.68 8.72
C TYR C 15 -24.71 -13.92 8.20
N GLU C 16 -25.69 -13.54 9.00
CA GLU C 16 -27.09 -13.64 8.59
C GLU C 16 -27.48 -12.35 7.88
N LYS C 17 -27.91 -12.47 6.63
CA LYS C 17 -28.26 -11.29 5.85
C LYS C 17 -29.50 -10.62 6.44
N LEU C 18 -29.49 -9.28 6.43
CA LEU C 18 -30.58 -8.48 6.98
C LEU C 18 -31.32 -7.67 5.94
N ASP C 19 -30.61 -7.03 5.02
CA ASP C 19 -31.27 -6.17 4.03
C ASP C 19 -30.35 -6.00 2.83
N PHE C 20 -30.96 -5.62 1.71
CA PHE C 20 -30.23 -5.30 0.49
C PHE C 20 -30.02 -3.78 0.44
N LEU C 21 -28.75 -3.36 0.50
CA LEU C 21 -28.46 -1.94 0.64
C LEU C 21 -28.24 -1.24 -0.70
N GLY C 22 -27.75 -1.93 -1.71
CA GLY C 22 -27.56 -1.30 -3.00
C GLY C 22 -26.83 -2.22 -3.95
N GLU C 23 -26.87 -1.83 -5.21
CA GLU C 23 -26.24 -2.58 -6.30
C GLU C 23 -25.44 -1.62 -7.16
N GLY C 24 -24.22 -2.01 -7.50
CA GLY C 24 -23.34 -1.16 -8.29
C GLY C 24 -22.74 -1.92 -9.45
N GLN C 25 -22.04 -1.16 -10.31
CA GLN C 25 -21.41 -1.78 -11.46
C GLN C 25 -20.31 -2.76 -11.06
N PHE C 26 -19.70 -2.55 -9.90
CA PHE C 26 -18.64 -3.44 -9.43
C PHE C 26 -19.11 -4.48 -8.42
N ALA C 27 -20.09 -4.16 -7.57
CA ALA C 27 -20.47 -5.06 -6.50
C ALA C 27 -21.82 -4.64 -5.92
N THR C 28 -22.33 -5.46 -5.02
CA THR C 28 -23.61 -5.22 -4.36
C THR C 28 -23.44 -5.33 -2.85
N VAL C 29 -24.16 -4.50 -2.10
CA VAL C 29 -23.97 -4.39 -0.67
C VAL C 29 -25.21 -4.88 0.05
N TYR C 30 -25.00 -5.68 1.10
CA TYR C 30 -26.08 -6.14 1.97
C TYR C 30 -25.74 -5.83 3.42
N LYS C 31 -26.70 -5.29 4.14
CA LYS C 31 -26.61 -5.20 5.59
C LYS C 31 -26.86 -6.57 6.20
N ALA C 32 -26.00 -6.95 7.15
CA ALA C 32 -26.07 -8.28 7.75
C ALA C 32 -25.65 -8.18 9.21
N ARG C 33 -25.91 -9.26 9.96
CA ARG C 33 -25.51 -9.34 11.35
C ARG C 33 -24.41 -10.39 11.54
N ILE C 40 -23.67 -5.29 13.73
CA ILE C 40 -24.15 -5.04 12.37
C ILE C 40 -22.99 -4.71 11.45
N VAL C 41 -22.96 -5.35 10.29
CA VAL C 41 -21.89 -5.16 9.31
C VAL C 41 -22.52 -5.00 7.93
N ALA C 42 -21.70 -4.59 6.98
CA ALA C 42 -22.09 -4.47 5.58
C ALA C 42 -21.17 -5.35 4.74
N ILE C 43 -21.76 -6.25 3.97
CA ILE C 43 -21.00 -7.17 3.12
C ILE C 43 -21.13 -6.72 1.68
N LYS C 44 -19.99 -6.50 1.05
CA LYS C 44 -19.91 -6.16 -0.36
C LYS C 44 -19.54 -7.43 -1.13
N LYS C 45 -20.47 -7.91 -1.94
CA LYS C 45 -20.27 -9.08 -2.79
C LYS C 45 -19.91 -8.62 -4.20
N LYS C 55 -11.92 -16.23 -16.48
CA LYS C 55 -10.62 -16.81 -16.15
C LYS C 55 -9.69 -15.76 -15.53
N ASP C 56 -10.21 -14.55 -15.33
CA ASP C 56 -9.39 -13.49 -14.74
C ASP C 56 -9.03 -13.80 -13.29
N GLY C 57 -9.97 -14.37 -12.55
CA GLY C 57 -9.76 -14.70 -11.15
C GLY C 57 -10.54 -13.80 -10.22
N ILE C 58 -10.05 -13.71 -8.98
CA ILE C 58 -10.70 -12.86 -7.99
C ILE C 58 -10.61 -11.41 -8.43
N ASN C 59 -11.70 -10.67 -8.21
CA ASN C 59 -11.80 -9.29 -8.66
C ASN C 59 -10.67 -8.43 -8.09
N ARG C 60 -10.04 -7.64 -8.95
CA ARG C 60 -8.91 -6.81 -8.51
C ARG C 60 -9.36 -5.65 -7.64
N THR C 61 -10.60 -5.19 -7.80
CA THR C 61 -11.11 -4.14 -6.92
C THR C 61 -11.24 -4.64 -5.49
N ALA C 62 -11.78 -5.85 -5.31
CA ALA C 62 -11.88 -6.42 -3.97
C ALA C 62 -10.51 -6.70 -3.38
N LEU C 63 -9.58 -7.20 -4.20
CA LEU C 63 -8.23 -7.45 -3.73
C LEU C 63 -7.54 -6.16 -3.30
N ARG C 64 -7.74 -5.09 -4.08
CA ARG C 64 -7.18 -3.79 -3.72
C ARG C 64 -7.74 -3.31 -2.39
N GLU C 65 -9.05 -3.42 -2.22
CA GLU C 65 -9.67 -3.01 -0.95
C GLU C 65 -9.11 -3.82 0.21
N ILE C 66 -8.98 -5.14 0.06
CA ILE C 66 -8.46 -5.96 1.14
C ILE C 66 -7.03 -5.58 1.46
N LYS C 67 -6.17 -5.54 0.44
CA LYS C 67 -4.75 -5.31 0.67
C LYS C 67 -4.48 -3.95 1.27
N LEU C 68 -5.31 -2.95 0.96
CA LEU C 68 -5.08 -1.63 1.54
C LEU C 68 -5.69 -1.51 2.92
N LEU C 69 -6.94 -1.92 3.09
CA LEU C 69 -7.61 -1.75 4.37
C LEU C 69 -7.04 -2.67 5.45
N GLN C 70 -6.32 -3.73 5.08
CA GLN C 70 -5.67 -4.54 6.09
C GLN C 70 -4.48 -3.81 6.72
N GLU C 71 -3.87 -2.90 5.98
CA GLU C 71 -2.67 -2.19 6.43
C GLU C 71 -2.97 -0.85 7.08
N LEU C 72 -4.24 -0.47 7.19
CA LEU C 72 -4.61 0.85 7.71
C LEU C 72 -5.57 0.70 8.87
N SER C 73 -5.36 1.52 9.91
CA SER C 73 -6.23 1.56 11.08
C SER C 73 -6.33 3.01 11.53
N HIS C 74 -7.51 3.61 11.37
CA HIS C 74 -7.74 5.00 11.75
C HIS C 74 -9.24 5.20 11.89
N PRO C 75 -9.68 6.03 12.83
CA PRO C 75 -11.13 6.23 13.00
C PRO C 75 -11.84 6.75 11.76
N ASN C 76 -11.18 7.58 10.95
CA ASN C 76 -11.78 8.18 9.77
C ASN C 76 -11.46 7.41 8.50
N ILE C 77 -11.20 6.11 8.61
CA ILE C 77 -10.99 5.23 7.47
C ILE C 77 -11.83 3.97 7.70
N ILE C 78 -12.56 3.55 6.67
CA ILE C 78 -13.48 2.43 6.82
C ILE C 78 -12.71 1.18 7.21
N GLY C 79 -13.24 0.45 8.19
CA GLY C 79 -12.57 -0.74 8.70
C GLY C 79 -13.03 -2.00 8.00
N LEU C 80 -12.07 -2.79 7.54
CA LEU C 80 -12.34 -4.09 6.93
C LEU C 80 -12.29 -5.14 8.04
N LEU C 81 -13.47 -5.56 8.52
CA LEU C 81 -13.54 -6.47 9.65
C LEU C 81 -13.24 -7.91 9.28
N ASP C 82 -13.59 -8.33 8.07
CA ASP C 82 -13.45 -9.73 7.67
C ASP C 82 -13.57 -9.82 6.16
N ALA C 83 -13.22 -11.00 5.64
CA ALA C 83 -13.35 -11.29 4.22
C ALA C 83 -13.48 -12.79 4.04
N PHE C 84 -14.32 -13.20 3.09
CA PHE C 84 -14.52 -14.62 2.79
C PHE C 84 -14.97 -14.73 1.33
N GLY C 85 -15.33 -15.93 0.92
CA GLY C 85 -15.79 -16.15 -0.43
C GLY C 85 -15.69 -17.60 -0.82
N HIS C 86 -16.04 -17.86 -2.07
CA HIS C 86 -15.99 -19.21 -2.63
C HIS C 86 -15.55 -19.12 -4.08
N LYS C 87 -14.64 -20.02 -4.47
CA LYS C 87 -14.13 -20.11 -5.84
C LYS C 87 -13.48 -18.78 -6.19
N SER C 88 -13.94 -18.07 -7.23
CA SER C 88 -13.34 -16.80 -7.64
C SER C 88 -14.21 -15.60 -7.27
N ASN C 89 -15.28 -15.81 -6.50
CA ASN C 89 -16.07 -14.71 -5.97
C ASN C 89 -15.73 -14.51 -4.50
N ILE C 90 -15.72 -13.25 -4.06
CA ILE C 90 -15.25 -12.91 -2.73
C ILE C 90 -16.15 -11.83 -2.14
N SER C 91 -16.48 -11.96 -0.86
CA SER C 91 -17.27 -10.99 -0.14
C SER C 91 -16.41 -10.30 0.92
N LEU C 92 -16.56 -8.99 1.02
CA LEU C 92 -15.82 -8.19 2.00
C LEU C 92 -16.77 -7.71 3.08
N VAL C 93 -16.29 -7.69 4.32
CA VAL C 93 -17.09 -7.28 5.46
C VAL C 93 -16.52 -5.97 6.00
N PHE C 94 -17.37 -4.94 6.05
CA PHE C 94 -17.02 -3.64 6.60
C PHE C 94 -17.99 -3.30 7.73
N ASP C 95 -17.64 -2.28 8.50
CA ASP C 95 -18.57 -1.73 9.45
C ASP C 95 -19.75 -1.09 8.72
N PHE C 96 -20.94 -1.23 9.29
CA PHE C 96 -22.14 -0.67 8.68
C PHE C 96 -22.19 0.84 8.91
N MET C 97 -22.31 1.60 7.83
CA MET C 97 -22.36 3.05 7.88
C MET C 97 -23.77 3.53 7.60
N GLU C 98 -24.27 4.44 8.43
CA GLU C 98 -25.67 4.85 8.34
C GLU C 98 -25.94 5.66 7.07
N THR C 99 -25.12 6.67 6.79
CA THR C 99 -25.36 7.57 5.67
C THR C 99 -24.03 7.94 5.02
N ASP C 100 -24.09 8.82 4.03
CA ASP C 100 -22.90 9.42 3.43
C ASP C 100 -23.17 10.90 3.19
N LEU C 101 -22.13 11.60 2.74
CA LEU C 101 -22.24 13.05 2.59
C LEU C 101 -23.15 13.44 1.42
N GLU C 102 -23.31 12.56 0.43
CA GLU C 102 -24.20 12.86 -0.68
C GLU C 102 -25.64 13.02 -0.20
N VAL C 103 -26.08 12.12 0.68
CA VAL C 103 -27.43 12.20 1.22
C VAL C 103 -27.61 13.45 2.05
N ILE C 104 -26.58 13.85 2.80
CA ILE C 104 -26.65 15.08 3.58
C ILE C 104 -26.76 16.29 2.66
N ILE C 105 -25.92 16.33 1.62
CA ILE C 105 -25.88 17.49 0.73
C ILE C 105 -27.21 17.62 -0.03
N LYS C 106 -27.74 16.51 -0.53
CA LYS C 106 -28.96 16.56 -1.33
C LYS C 106 -30.22 16.71 -0.47
N ASP C 107 -30.11 16.60 0.84
CA ASP C 107 -31.27 16.73 1.72
C ASP C 107 -31.55 18.21 1.98
N ASN C 108 -32.63 18.72 1.41
CA ASN C 108 -32.99 20.12 1.58
C ASN C 108 -33.56 20.42 2.96
N SER C 109 -33.87 19.40 3.75
CA SER C 109 -34.42 19.59 5.09
C SER C 109 -33.35 19.71 6.16
N LEU C 110 -32.07 19.55 5.82
CA LEU C 110 -30.98 19.70 6.76
C LEU C 110 -30.17 20.94 6.38
N VAL C 111 -29.93 21.81 7.35
CA VAL C 111 -29.12 23.01 7.16
C VAL C 111 -27.68 22.69 7.52
N LEU C 112 -26.76 23.00 6.61
CA LEU C 112 -25.33 22.75 6.84
C LEU C 112 -24.71 24.03 7.41
N THR C 113 -24.66 24.10 8.74
CA THR C 113 -24.07 25.24 9.42
C THR C 113 -22.56 25.25 9.24
N PRO C 114 -21.91 26.39 9.49
CA PRO C 114 -20.44 26.41 9.42
C PRO C 114 -19.78 25.38 10.32
N SER C 115 -20.34 25.13 11.51
CA SER C 115 -19.77 24.13 12.39
C SER C 115 -19.86 22.73 11.79
N HIS C 116 -21.00 22.39 11.20
CA HIS C 116 -21.16 21.08 10.57
C HIS C 116 -20.18 20.90 9.42
N ILE C 117 -20.04 21.93 8.58
CA ILE C 117 -19.12 21.85 7.45
C ILE C 117 -17.69 21.69 7.95
N LYS C 118 -17.34 22.44 9.00
CA LYS C 118 -16.00 22.31 9.57
C LYS C 118 -15.77 20.91 10.12
N ALA C 119 -16.77 20.32 10.77
CA ALA C 119 -16.62 18.98 11.33
C ALA C 119 -16.41 17.94 10.22
N TYR C 120 -17.24 18.00 9.18
CA TYR C 120 -17.08 17.08 8.06
C TYR C 120 -15.71 17.24 7.42
N MET C 121 -15.29 18.49 7.20
CA MET C 121 -13.99 18.77 6.61
C MET C 121 -12.87 18.27 7.48
N LEU C 122 -13.01 18.43 8.80
CA LEU C 122 -11.98 17.99 9.74
C LEU C 122 -11.81 16.49 9.71
N MET C 123 -12.92 15.74 9.80
CA MET C 123 -12.82 14.29 9.77
C MET C 123 -12.25 13.81 8.45
N THR C 124 -12.72 14.39 7.34
CA THR C 124 -12.20 14.01 6.03
C THR C 124 -10.70 14.26 5.94
N LEU C 125 -10.26 15.42 6.41
CA LEU C 125 -8.84 15.77 6.31
C LEU C 125 -7.98 14.93 7.25
N GLN C 126 -8.50 14.57 8.43
CA GLN C 126 -7.72 13.72 9.33
C GLN C 126 -7.55 12.32 8.73
N GLY C 127 -8.64 11.75 8.21
CA GLY C 127 -8.51 10.47 7.53
C GLY C 127 -7.56 10.55 6.35
N LEU C 128 -7.65 11.63 5.57
CA LEU C 128 -6.78 11.78 4.41
C LEU C 128 -5.32 12.01 4.80
N GLU C 129 -5.07 12.71 5.90
CA GLU C 129 -3.71 12.89 6.39
C GLU C 129 -3.12 11.56 6.82
N TYR C 130 -3.89 10.77 7.56
CA TYR C 130 -3.42 9.43 7.92
C TYR C 130 -3.12 8.60 6.67
N LEU C 131 -4.02 8.65 5.69
CA LEU C 131 -3.85 7.88 4.46
C LEU C 131 -2.60 8.32 3.70
N HIS C 132 -2.39 9.62 3.57
CA HIS C 132 -1.24 10.13 2.83
C HIS C 132 0.06 9.86 3.57
N GLN C 133 0.04 9.85 4.90
CA GLN C 133 1.23 9.51 5.67
C GLN C 133 1.70 8.10 5.34
N HIS C 134 0.75 7.17 5.17
CA HIS C 134 1.06 5.82 4.74
C HIS C 134 1.12 5.70 3.23
N TRP C 135 1.28 6.82 2.53
CA TRP C 135 1.61 6.84 1.11
C TRP C 135 0.54 6.15 0.26
N ILE C 136 -0.73 6.44 0.55
CA ILE C 136 -1.85 5.91 -0.21
C ILE C 136 -2.74 7.07 -0.64
N LEU C 137 -3.09 7.10 -1.93
CA LEU C 137 -4.06 8.05 -2.48
C LEU C 137 -5.42 7.37 -2.59
N HIS C 138 -6.47 8.06 -2.13
CA HIS C 138 -7.82 7.51 -2.27
C HIS C 138 -8.26 7.48 -3.73
N ARG C 139 -8.09 8.59 -4.44
CA ARG C 139 -8.36 8.74 -5.87
C ARG C 139 -9.83 8.55 -6.23
N ASP C 140 -10.73 8.52 -5.24
CA ASP C 140 -12.16 8.44 -5.54
C ASP C 140 -12.99 9.27 -4.56
N LEU C 141 -12.44 10.38 -4.07
CA LEU C 141 -13.14 11.16 -3.06
C LEU C 141 -14.36 11.84 -3.67
N LYS C 142 -15.49 11.71 -2.98
CA LYS C 142 -16.75 12.29 -3.40
C LYS C 142 -17.74 12.12 -2.26
N PRO C 143 -18.85 12.88 -2.27
CA PRO C 143 -19.76 12.84 -1.10
C PRO C 143 -20.28 11.45 -0.77
N ASN C 144 -20.54 10.59 -1.75
CA ASN C 144 -21.06 9.27 -1.41
C ASN C 144 -19.97 8.28 -1.03
N ASN C 145 -18.70 8.65 -1.15
CA ASN C 145 -17.60 7.84 -0.64
C ASN C 145 -17.13 8.28 0.74
N LEU C 146 -17.80 9.28 1.32
CA LEU C 146 -17.53 9.72 2.69
C LEU C 146 -18.73 9.30 3.52
N LEU C 147 -18.62 8.15 4.17
CA LEU C 147 -19.76 7.58 4.89
C LEU C 147 -19.77 8.07 6.33
N LEU C 148 -20.97 8.09 6.92
CA LEU C 148 -21.16 8.53 8.29
C LEU C 148 -21.76 7.41 9.10
N ASP C 149 -21.14 7.11 10.25
CA ASP C 149 -21.68 6.06 11.12
C ASP C 149 -22.79 6.64 11.99
N GLU C 150 -23.35 5.80 12.86
CA GLU C 150 -24.41 6.25 13.75
C GLU C 150 -23.90 7.28 14.77
N ASN C 151 -22.61 7.26 15.07
CA ASN C 151 -22.02 8.17 16.04
C ASN C 151 -21.59 9.49 15.43
N GLY C 152 -21.76 9.67 14.12
CA GLY C 152 -21.32 10.88 13.47
C GLY C 152 -19.85 10.88 13.08
N VAL C 153 -19.24 9.72 12.96
CA VAL C 153 -17.84 9.61 12.57
C VAL C 153 -17.78 9.43 11.06
N LEU C 154 -17.13 10.37 10.38
CA LEU C 154 -16.96 10.27 8.95
C LEU C 154 -15.79 9.34 8.64
N LYS C 155 -16.02 8.40 7.74
CA LYS C 155 -14.99 7.47 7.31
C LYS C 155 -14.91 7.50 5.78
N LEU C 156 -13.68 7.61 5.27
CA LEU C 156 -13.46 7.39 3.85
C LEU C 156 -13.68 5.93 3.52
N ALA C 157 -14.32 5.67 2.38
CA ALA C 157 -14.64 4.31 1.99
C ALA C 157 -14.46 4.16 0.48
N ASP C 158 -14.79 2.96 -0.02
CA ASP C 158 -14.65 2.62 -1.43
C ASP C 158 -13.21 2.84 -1.91
N PHE C 159 -12.32 2.02 -1.33
CA PHE C 159 -10.91 2.07 -1.66
C PHE C 159 -10.56 1.28 -2.91
N GLY C 160 -11.55 0.98 -3.75
CA GLY C 160 -11.34 0.19 -4.94
C GLY C 160 -10.50 0.87 -6.01
N LEU C 161 -10.35 2.19 -5.93
CA LEU C 161 -9.42 2.92 -6.79
C LEU C 161 -8.20 3.41 -6.04
N ALA C 162 -8.14 3.20 -4.73
CA ALA C 162 -7.02 3.70 -3.93
C ALA C 162 -5.72 3.05 -4.35
N LYS C 163 -4.64 3.83 -4.33
CA LYS C 163 -3.34 3.33 -4.76
C LYS C 163 -2.25 3.97 -3.92
N SER C 164 -1.14 3.25 -3.79
CA SER C 164 0.03 3.78 -3.12
C SER C 164 0.80 4.71 -4.04
N PHE C 165 1.28 5.82 -3.49
CA PHE C 165 2.04 6.79 -4.27
C PHE C 165 3.39 7.02 -3.64
N GLY C 166 4.24 7.75 -4.37
CA GLY C 166 5.60 8.04 -3.95
C GLY C 166 6.66 7.25 -4.69
N SER C 167 6.27 6.21 -5.44
CA SER C 167 7.24 5.44 -6.21
C SER C 167 7.39 6.03 -7.61
N PRO C 168 8.61 6.20 -8.11
CA PRO C 168 8.80 6.88 -9.40
C PRO C 168 8.67 5.97 -10.60
N ASN C 169 8.79 4.66 -10.38
CA ASN C 169 8.78 3.68 -11.47
C ASN C 169 7.39 3.14 -11.78
N ARG C 170 6.36 3.66 -11.12
CA ARG C 170 4.99 3.17 -11.30
C ARG C 170 4.14 4.28 -11.89
N ALA C 171 3.48 3.98 -13.01
CA ALA C 171 2.61 4.94 -13.69
C ALA C 171 1.16 4.72 -13.29
N TYR C 172 0.37 5.79 -13.42
CA TYR C 172 -1.02 5.79 -12.97
C TYR C 172 -1.94 6.20 -14.13
N THR C 173 -3.21 5.83 -13.99
CA THR C 173 -4.23 6.22 -14.94
C THR C 173 -4.84 7.55 -14.52
N HIS C 174 -5.13 8.39 -15.52
CA HIS C 174 -5.74 9.69 -15.30
C HIS C 174 -7.26 9.64 -15.21
N GLN C 175 -7.85 8.46 -15.39
CA GLN C 175 -9.30 8.30 -15.34
C GLN C 175 -9.87 8.35 -13.92
N VAL C 176 -9.01 8.31 -12.91
CA VAL C 176 -9.50 8.22 -11.53
C VAL C 176 -10.24 9.50 -11.15
N VAL C 177 -11.01 9.40 -10.06
CA VAL C 177 -11.87 10.45 -9.53
C VAL C 177 -13.04 10.68 -10.49
N THR C 178 -14.25 10.73 -9.94
CA THR C 178 -15.42 11.10 -10.73
C THR C 178 -15.22 12.49 -11.30
N ARG C 179 -15.65 12.68 -12.56
CA ARG C 179 -15.28 13.86 -13.33
C ARG C 179 -15.60 15.16 -12.60
N TRP C 180 -16.71 15.21 -11.88
CA TRP C 180 -17.09 16.45 -11.20
C TRP C 180 -16.06 16.87 -10.16
N TYR C 181 -15.31 15.91 -9.61
CA TYR C 181 -14.34 16.17 -8.56
C TYR C 181 -12.91 15.94 -9.04
N ARG C 182 -12.73 15.69 -10.33
CA ARG C 182 -11.39 15.46 -10.87
C ARG C 182 -10.60 16.75 -10.91
N ALA C 183 -9.33 16.65 -10.55
CA ALA C 183 -8.46 17.82 -10.55
C ALA C 183 -8.06 18.20 -11.97
N PRO C 184 -7.72 19.47 -12.21
CA PRO C 184 -7.29 19.87 -13.56
C PRO C 184 -6.05 19.14 -14.03
N GLU C 185 -5.13 18.78 -13.13
CA GLU C 185 -3.97 18.00 -13.56
C GLU C 185 -4.38 16.62 -14.05
N LEU C 186 -5.36 16.01 -13.40
CA LEU C 186 -5.90 14.75 -13.91
C LEU C 186 -6.63 14.96 -15.24
N LEU C 187 -7.40 16.03 -15.35
CA LEU C 187 -8.11 16.33 -16.60
C LEU C 187 -7.14 16.66 -17.73
N PHE C 188 -5.89 16.98 -17.41
CA PHE C 188 -4.88 17.26 -18.41
C PHE C 188 -3.97 16.07 -18.69
N GLY C 189 -4.30 14.90 -18.17
CA GLY C 189 -3.56 13.70 -18.49
C GLY C 189 -2.37 13.39 -17.62
N ALA C 190 -2.35 13.85 -16.37
CA ALA C 190 -1.23 13.58 -15.49
C ALA C 190 -1.18 12.11 -15.12
N ARG C 191 -0.11 11.42 -15.55
CA ARG C 191 0.13 10.04 -15.17
C ARG C 191 0.83 9.90 -13.82
N MET C 192 1.40 10.98 -13.31
CA MET C 192 2.04 11.00 -12.00
C MET C 192 1.45 12.16 -11.20
N TYR C 193 1.03 11.88 -9.98
CA TYR C 193 0.41 12.90 -9.16
C TYR C 193 0.55 12.51 -7.70
N GLY C 194 0.35 13.49 -6.83
CA GLY C 194 0.43 13.26 -5.41
C GLY C 194 -0.90 13.46 -4.71
N VAL C 195 -0.87 13.94 -3.47
CA VAL C 195 -2.08 14.10 -2.68
C VAL C 195 -3.01 15.16 -3.22
N GLY C 196 -2.54 15.99 -4.16
CA GLY C 196 -3.39 17.04 -4.70
C GLY C 196 -4.67 16.51 -5.32
N VAL C 197 -4.59 15.35 -5.98
CA VAL C 197 -5.78 14.76 -6.60
C VAL C 197 -6.85 14.51 -5.55
N ASP C 198 -6.45 14.10 -4.35
CA ASP C 198 -7.44 14.02 -3.27
C ASP C 198 -7.81 15.42 -2.79
N MET C 199 -6.83 16.29 -2.60
CA MET C 199 -7.07 17.62 -2.05
C MET C 199 -8.06 18.38 -2.91
N TRP C 200 -7.86 18.38 -4.23
CA TRP C 200 -8.80 19.05 -5.13
C TRP C 200 -10.21 18.51 -4.94
N ALA C 201 -10.34 17.18 -4.89
CA ALA C 201 -11.64 16.59 -4.66
C ALA C 201 -12.20 17.08 -3.33
N VAL C 202 -11.36 17.14 -2.30
CA VAL C 202 -11.79 17.68 -1.02
C VAL C 202 -12.34 19.08 -1.22
N GLY C 203 -11.62 19.92 -1.96
CA GLY C 203 -12.11 21.26 -2.25
C GLY C 203 -13.48 21.21 -2.89
N CYS C 204 -13.64 20.36 -3.91
CA CYS C 204 -14.94 20.24 -4.55
C CYS C 204 -16.00 19.82 -3.54
N ILE C 205 -15.68 18.85 -2.69
CA ILE C 205 -16.63 18.43 -1.67
C ILE C 205 -16.97 19.62 -0.79
N LEU C 206 -15.96 20.38 -0.38
CA LEU C 206 -16.20 21.57 0.42
C LEU C 206 -17.15 22.51 -0.30
N ALA C 207 -16.90 22.74 -1.59
CA ALA C 207 -17.79 23.60 -2.36
C ALA C 207 -19.20 23.04 -2.38
N GLU C 208 -19.32 21.72 -2.58
CA GLU C 208 -20.64 21.10 -2.58
C GLU C 208 -21.31 21.23 -1.23
N LEU C 209 -20.53 21.29 -0.15
CA LEU C 209 -21.15 21.46 1.17
C LEU C 209 -21.66 22.88 1.35
N LEU C 210 -21.07 23.85 0.65
CA LEU C 210 -21.48 25.24 0.82
C LEU C 210 -22.64 25.62 -0.09
N LEU C 211 -22.63 25.12 -1.32
CA LEU C 211 -23.65 25.45 -2.31
C LEU C 211 -24.79 24.43 -2.39
N ARG C 212 -24.65 23.28 -1.73
CA ARG C 212 -25.61 22.18 -1.76
C ARG C 212 -25.82 21.61 -3.16
N VAL C 213 -24.98 22.00 -4.12
CA VAL C 213 -25.04 21.47 -5.48
C VAL C 213 -23.64 21.19 -5.97
N PRO C 214 -23.49 20.30 -6.95
CA PRO C 214 -22.15 20.05 -7.51
C PRO C 214 -21.51 21.34 -7.99
N PHE C 215 -20.25 21.55 -7.58
CA PHE C 215 -19.57 22.79 -7.87
C PHE C 215 -19.31 22.94 -9.37
N LEU C 216 -18.72 21.92 -9.98
CA LEU C 216 -18.30 21.96 -11.38
C LEU C 216 -18.85 20.73 -12.10
N PRO C 217 -20.14 20.76 -12.46
CA PRO C 217 -20.78 19.60 -13.13
C PRO C 217 -20.57 19.58 -14.64
N GLY C 218 -19.40 19.11 -15.06
CA GLY C 218 -19.11 19.02 -16.48
C GLY C 218 -19.71 17.75 -17.09
N ASP C 219 -20.23 17.91 -18.30
CA ASP C 219 -20.76 16.77 -19.04
C ASP C 219 -19.67 15.95 -19.74
N SER C 220 -18.45 16.49 -19.82
CA SER C 220 -17.33 15.80 -20.43
C SER C 220 -16.05 16.35 -19.83
N ASP C 221 -14.92 15.77 -20.20
CA ASP C 221 -13.63 16.27 -19.74
C ASP C 221 -13.44 17.72 -20.17
N LEU C 222 -13.74 18.01 -21.44
CA LEU C 222 -13.64 19.37 -21.95
C LEU C 222 -14.58 20.31 -21.20
N ASP C 223 -15.81 19.87 -20.96
CA ASP C 223 -16.75 20.69 -20.20
C ASP C 223 -16.31 20.85 -18.75
N GLN C 224 -15.71 19.82 -18.15
CA GLN C 224 -15.22 19.95 -16.78
C GLN C 224 -14.11 21.00 -16.70
N LEU C 225 -13.14 20.95 -17.62
CA LEU C 225 -12.09 21.96 -17.65
C LEU C 225 -12.68 23.34 -17.91
N THR C 226 -13.68 23.42 -18.80
CA THR C 226 -14.32 24.70 -19.09
C THR C 226 -14.97 25.29 -17.85
N ARG C 227 -15.70 24.48 -17.10
CA ARG C 227 -16.34 24.98 -15.88
C ARG C 227 -15.30 25.40 -14.85
N ILE C 228 -14.22 24.61 -14.72
CA ILE C 228 -13.16 24.96 -13.77
C ILE C 228 -12.58 26.32 -14.11
N PHE C 229 -12.27 26.55 -15.39
CA PHE C 229 -11.62 27.80 -15.78
C PHE C 229 -12.61 28.96 -15.78
N GLU C 230 -13.90 28.68 -16.01
CA GLU C 230 -14.90 29.74 -15.98
C GLU C 230 -15.20 30.17 -14.56
N THR C 231 -15.01 29.28 -13.58
CA THR C 231 -15.27 29.64 -12.19
C THR C 231 -14.03 30.18 -11.49
N LEU C 232 -12.85 29.66 -11.79
CA LEU C 232 -11.62 30.02 -11.07
C LEU C 232 -10.56 30.65 -11.96
N GLY C 233 -10.94 31.10 -13.15
CA GLY C 233 -9.99 31.71 -14.07
C GLY C 233 -9.15 30.68 -14.80
N THR C 234 -8.48 31.16 -15.84
CA THR C 234 -7.58 30.31 -16.62
C THR C 234 -6.17 30.41 -16.07
N PRO C 235 -5.60 29.34 -15.53
CA PRO C 235 -4.25 29.42 -14.97
C PRO C 235 -3.22 29.73 -16.05
N THR C 236 -2.17 30.43 -15.63
CA THR C 236 -1.03 30.76 -16.47
C THR C 236 0.20 30.01 -15.95
N GLU C 237 1.35 30.29 -16.56
CA GLU C 237 2.59 29.75 -16.04
C GLU C 237 2.94 30.32 -14.67
N GLU C 238 2.44 31.51 -14.34
CA GLU C 238 2.67 32.08 -13.03
C GLU C 238 2.00 31.27 -11.93
N GLN C 239 0.84 30.69 -12.21
CA GLN C 239 0.12 29.87 -11.27
C GLN C 239 0.38 28.38 -11.45
N TRP C 240 0.98 27.98 -12.56
CA TRP C 240 1.17 26.56 -12.89
C TRP C 240 2.39 26.46 -13.78
N PRO C 241 3.58 26.39 -13.18
CA PRO C 241 4.81 26.63 -13.96
C PRO C 241 5.06 25.65 -15.09
N ASP C 242 4.46 24.46 -15.07
CA ASP C 242 4.72 23.48 -16.10
C ASP C 242 3.44 22.85 -16.63
N MET C 243 2.34 23.61 -16.64
CA MET C 243 1.06 23.06 -17.07
C MET C 243 1.11 22.60 -18.53
N CYS C 244 1.88 23.29 -19.37
CA CYS C 244 1.93 22.96 -20.79
C CYS C 244 2.59 21.63 -21.07
N SER C 245 3.28 21.04 -20.10
CA SER C 245 3.90 19.74 -20.30
C SER C 245 2.92 18.58 -20.15
N LEU C 246 1.75 18.80 -19.57
CA LEU C 246 0.80 17.72 -19.37
C LEU C 246 0.33 17.17 -20.72
N PRO C 247 0.20 15.85 -20.85
CA PRO C 247 -0.02 15.27 -22.19
C PRO C 247 -1.30 15.73 -22.87
N ASP C 248 -2.39 15.89 -22.12
CA ASP C 248 -3.69 16.27 -22.69
C ASP C 248 -4.01 17.74 -22.45
N TYR C 249 -3.00 18.60 -22.38
CA TYR C 249 -3.23 20.01 -22.10
C TYR C 249 -3.59 20.73 -23.39
N VAL C 250 -4.75 21.39 -23.39
CA VAL C 250 -5.21 22.17 -24.53
C VAL C 250 -5.41 23.61 -24.06
N THR C 251 -4.88 24.56 -24.82
CA THR C 251 -4.95 25.97 -24.44
C THR C 251 -6.39 26.43 -24.46
N PHE C 252 -6.85 26.94 -23.32
CA PHE C 252 -8.22 27.44 -23.19
C PHE C 252 -8.25 28.95 -23.40
N LYS C 253 -9.43 29.52 -23.29
CA LYS C 253 -9.57 30.98 -23.31
C LYS C 253 -9.19 31.54 -21.95
N SER C 254 -8.71 32.78 -21.95
CA SER C 254 -8.16 33.41 -20.76
C SER C 254 -9.30 34.02 -19.94
N PHE C 255 -10.03 33.15 -19.26
CA PHE C 255 -11.16 33.59 -18.44
C PHE C 255 -10.67 34.33 -17.19
N PRO C 256 -11.47 35.26 -16.67
CA PRO C 256 -11.12 35.94 -15.42
C PRO C 256 -11.61 35.18 -14.20
N GLY C 257 -12.53 34.25 -14.41
CA GLY C 257 -13.13 33.53 -13.31
C GLY C 257 -14.08 34.42 -12.52
N ILE C 258 -14.48 33.91 -11.36
CA ILE C 258 -15.34 34.64 -10.45
C ILE C 258 -14.63 34.73 -9.10
N PRO C 259 -14.64 35.88 -8.44
CA PRO C 259 -14.03 35.97 -7.11
C PRO C 259 -14.71 35.03 -6.13
N LEU C 260 -13.91 34.49 -5.20
CA LEU C 260 -14.39 33.43 -4.33
C LEU C 260 -15.51 33.92 -3.41
N HIS C 261 -15.42 35.15 -2.91
CA HIS C 261 -16.48 35.67 -2.06
C HIS C 261 -17.80 35.84 -2.80
N HIS C 262 -17.77 35.94 -4.12
CA HIS C 262 -19.02 35.97 -4.88
C HIS C 262 -19.63 34.58 -5.02
N ILE C 263 -18.80 33.56 -5.20
CA ILE C 263 -19.31 32.19 -5.25
C ILE C 263 -19.85 31.76 -3.89
N PHE C 264 -19.06 31.98 -2.84
CA PHE C 264 -19.42 31.60 -1.48
C PHE C 264 -19.61 32.88 -0.68
N SER C 265 -20.83 33.41 -0.71
CA SER C 265 -21.10 34.69 -0.06
C SER C 265 -21.04 34.57 1.46
N ALA C 266 -21.46 33.44 2.01
CA ALA C 266 -21.45 33.25 3.46
C ALA C 266 -20.11 32.77 3.99
N ALA C 267 -19.15 32.50 3.13
CA ALA C 267 -17.84 32.03 3.59
C ALA C 267 -17.09 33.12 4.33
N GLY C 268 -16.47 32.74 5.44
CA GLY C 268 -15.57 33.64 6.13
C GLY C 268 -14.24 33.75 5.43
N ASP C 269 -13.41 34.68 5.92
CA ASP C 269 -12.10 34.89 5.32
C ASP C 269 -11.21 33.66 5.48
N ASP C 270 -11.23 33.03 6.66
CA ASP C 270 -10.44 31.82 6.88
C ASP C 270 -10.90 30.69 5.97
N LEU C 271 -12.23 30.51 5.84
CA LEU C 271 -12.75 29.50 4.93
C LEU C 271 -12.37 29.82 3.49
N LEU C 272 -12.36 31.10 3.12
CA LEU C 272 -11.94 31.48 1.77
C LEU C 272 -10.47 31.13 1.54
N ASP C 273 -9.61 31.35 2.54
CA ASP C 273 -8.22 30.96 2.42
C ASP C 273 -8.08 29.45 2.26
N LEU C 274 -8.85 28.68 3.03
CA LEU C 274 -8.81 27.22 2.90
C LEU C 274 -9.25 26.80 1.50
N ILE C 275 -10.33 27.38 1.00
CA ILE C 275 -10.84 27.04 -0.33
C ILE C 275 -9.79 27.36 -1.38
N GLN C 276 -9.18 28.54 -1.28
CA GLN C 276 -8.16 28.94 -2.25
C GLN C 276 -6.97 27.99 -2.22
N GLY C 277 -6.54 27.58 -1.04
CA GLY C 277 -5.45 26.61 -0.96
C GLY C 277 -5.83 25.28 -1.57
N LEU C 278 -7.06 24.82 -1.33
CA LEU C 278 -7.52 23.56 -1.90
C LEU C 278 -7.69 23.65 -3.42
N PHE C 279 -8.03 24.82 -3.93
CA PHE C 279 -8.33 24.98 -5.35
C PHE C 279 -7.19 25.63 -6.13
N LEU C 280 -6.00 25.73 -5.54
CA LEU C 280 -4.85 26.21 -6.28
C LEU C 280 -4.59 25.31 -7.48
N PHE C 281 -4.34 25.94 -8.64
CA PHE C 281 -4.12 25.17 -9.86
C PHE C 281 -2.84 24.37 -9.80
N ASN C 282 -1.82 24.88 -9.12
CA ASN C 282 -0.55 24.16 -8.99
C ASN C 282 -0.71 23.04 -7.97
N PRO C 283 -0.57 21.77 -8.35
CA PRO C 283 -0.72 20.69 -7.36
C PRO C 283 0.29 20.76 -6.22
N CYS C 284 1.53 21.15 -6.52
CA CYS C 284 2.52 21.29 -5.47
C CYS C 284 2.15 22.40 -4.50
N ALA C 285 1.68 23.54 -5.02
CA ALA C 285 1.26 24.64 -4.16
C ALA C 285 -0.03 24.31 -3.43
N ARG C 286 -0.87 23.45 -4.00
CA ARG C 286 -2.11 23.05 -3.36
C ARG C 286 -1.83 22.50 -1.97
N ILE C 287 -2.60 22.96 -0.99
CA ILE C 287 -2.33 22.62 0.40
C ILE C 287 -2.50 21.13 0.61
N THR C 288 -1.58 20.53 1.38
CA THR C 288 -1.72 19.14 1.76
C THR C 288 -2.71 19.01 2.90
N ALA C 289 -3.03 17.76 3.26
CA ALA C 289 -3.94 17.53 4.37
C ALA C 289 -3.36 18.06 5.67
N THR C 290 -2.07 17.83 5.91
CA THR C 290 -1.41 18.38 7.09
C THR C 290 -1.49 19.91 7.08
N GLN C 291 -1.12 20.52 5.96
CA GLN C 291 -1.15 21.98 5.88
C GLN C 291 -2.57 22.51 6.03
N ALA C 292 -3.55 21.83 5.42
CA ALA C 292 -4.93 22.26 5.55
C ALA C 292 -5.39 22.18 7.00
N LEU C 293 -5.00 21.13 7.72
CA LEU C 293 -5.39 20.99 9.11
C LEU C 293 -4.79 22.07 9.99
N LYS C 294 -3.62 22.61 9.60
CA LYS C 294 -2.96 23.66 10.38
C LYS C 294 -3.51 25.05 10.08
N MET C 295 -4.41 25.18 9.11
CA MET C 295 -4.92 26.50 8.75
C MET C 295 -5.80 27.05 9.86
N LYS C 296 -5.91 28.38 9.90
CA LYS C 296 -6.66 29.04 10.96
C LYS C 296 -8.13 28.65 10.94
N TYR C 297 -8.69 28.32 9.77
CA TYR C 297 -10.10 28.00 9.65
C TYR C 297 -10.51 26.92 10.64
N PHE C 298 -9.68 25.89 10.79
CA PHE C 298 -10.00 24.81 11.71
C PHE C 298 -9.75 25.20 13.17
N SER C 299 -8.87 26.16 13.41
CA SER C 299 -8.58 26.59 14.77
C SER C 299 -9.41 27.80 15.21
N ASN C 300 -9.93 28.59 14.28
CA ASN C 300 -10.78 29.70 14.67
C ASN C 300 -12.16 29.20 15.13
N ARG C 301 -12.92 30.12 15.70
CA ARG C 301 -14.29 29.88 16.10
C ARG C 301 -15.21 29.95 14.87
N PRO C 302 -16.33 29.23 14.89
CA PRO C 302 -16.76 28.25 15.90
C PRO C 302 -16.04 26.92 15.72
N GLY C 303 -15.94 26.11 16.77
CA GLY C 303 -15.31 24.82 16.66
C GLY C 303 -16.19 23.84 15.91
N PRO C 304 -15.59 22.75 15.42
CA PRO C 304 -16.38 21.75 14.69
C PRO C 304 -17.42 21.09 15.58
N THR C 305 -18.55 20.74 14.96
CA THR C 305 -19.60 20.06 15.69
C THR C 305 -19.11 18.68 16.13
N PRO C 306 -19.43 18.25 17.35
CA PRO C 306 -19.13 16.87 17.74
C PRO C 306 -19.95 15.89 16.90
N GLY C 307 -19.41 14.69 16.73
CA GLY C 307 -20.03 13.71 15.86
C GLY C 307 -21.46 13.40 16.24
N CYS C 308 -21.73 13.30 17.54
CA CYS C 308 -23.07 12.98 18.01
C CYS C 308 -24.10 14.06 17.66
N GLN C 309 -23.65 15.29 17.42
CA GLN C 309 -24.55 16.40 17.12
C GLN C 309 -24.65 16.73 15.64
N LEU C 310 -23.97 15.99 14.78
CA LEU C 310 -24.01 16.26 13.35
C LEU C 310 -25.40 15.92 12.79
N PRO C 311 -25.82 16.60 11.73
CA PRO C 311 -27.18 16.37 11.20
C PRO C 311 -27.31 15.00 10.57
N ARG C 312 -28.51 14.42 10.72
CA ARG C 312 -28.81 13.11 10.19
C ARG C 312 -30.17 13.13 9.50
N PRO C 313 -30.29 12.47 8.34
CA PRO C 313 -31.55 12.38 7.59
C PRO C 313 -32.63 11.61 8.34
C10 X4Q D . -25.04 3.36 -0.78
C10 X4Q D . -24.35 1.35 -2.80
N12 X4Q D . -24.67 2.95 -3.16
N12 X4Q D . -23.98 3.73 -2.42
C13 X4Q D . -25.32 1.76 -2.52
C13 X4Q D . -22.99 2.92 -1.62
C15 X4Q D . -24.10 1.28 3.33
C15 X4Q D . -24.14 1.29 3.40
C17 X4Q D . -26.35 2.28 4.22
C17 X4Q D . -26.37 2.33 4.31
C20 X4Q D . -24.94 5.57 2.83
C20 X4Q D . -27.17 5.22 1.92
C21 X4Q D . -25.99 6.01 2.02
C21 X4Q D . -26.01 5.99 2.00
C22 X4Q D . -27.15 5.26 1.93
C22 X4Q D . -24.96 5.59 2.81
C26 X4Q D . -20.87 0.49 4.65
C26 X4Q D . -20.87 0.51 4.59
C01 X4Q D . -19.44 -1.44 1.98
C01 X4Q D . -19.51 -1.49 1.96
C02 X4Q D . -19.36 0.00 2.50
C02 X4Q D . -19.43 -0.03 2.42
C03 X4Q D . -18.13 0.21 3.39
C03 X4Q D . -18.18 0.21 3.29
C04 X4Q D . -20.70 0.39 3.26
C04 X4Q D . -20.75 0.38 3.21
C05 X4Q D . -21.94 0.68 2.65
C05 X4Q D . -22.01 0.67 2.63
C07 X4Q D . -23.59 1.04 1.00
C07 X4Q D . -23.73 1.02 1.05
C09 X4Q D . -25.14 1.84 -0.98
C09 X4Q D . -23.49 1.44 -1.53
C11 X4Q D . -24.41 3.93 -2.06
C11 X4Q D . -24.92 2.76 -3.05
C14 X4Q D . -24.50 1.33 2.02
C14 X4Q D . -24.59 1.31 2.09
C18 X4Q D . -26.22 3.62 3.44
C18 X4Q D . -26.23 3.65 3.48
C19 X4Q D . -25.06 4.38 3.54
C19 X4Q D . -27.27 4.05 2.66
C23 X4Q D . -27.26 4.07 2.63
C23 X4Q D . -25.07 4.42 3.56
N06 X4Q D . -22.34 0.73 1.32
N06 X4Q D . -22.47 0.70 1.31
N08 X4Q D . -23.98 1.08 -0.39
N08 X4Q D . -24.24 1.04 -0.31
N16 X4Q D . -25.05 1.57 4.45
N16 X4Q D . -25.05 1.62 4.53
N24 X4Q D . -22.82 0.95 3.63
N24 X4Q D . -22.84 0.97 3.64
N25 X4Q D . -22.18 0.84 4.89
N25 X4Q D . -22.17 0.88 4.87
#